data_5L6L
#
_entry.id   5L6L
#
_cell.length_a   110.180
_cell.length_b   144.160
_cell.length_c   160.540
_cell.angle_alpha   90.00
_cell.angle_beta   90.00
_cell.angle_gamma   90.00
#
_symmetry.space_group_name_H-M   'C 2 2 21'
#
loop_
_entity.id
_entity.type
_entity.pdbx_description
1 polymer 'VapB family protein'
2 polymer 'Ribonuclease VapC'
3 polymer 'DNA (27-MER)'
4 polymer 'DNA (27-MER)'
5 water water
#
loop_
_entity_poly.entity_id
_entity_poly.type
_entity_poly.pdbx_seq_one_letter_code
_entity_poly.pdbx_strand_id
1 'polypeptide(L)'
;(MSE)HHHHHHARATGKTFRSGNSEAVRLPRDLAFGADVELTLIRSGDVLTIYPSKGSIADLVATLNQ(MSE)PRPDSVE
IRDEDLFPERPGL
;
A,D,E,H
2 'polypeptide(L)'
;(MSE)AYVLDTNVAIHLRDGDPEVTTRVTALNGAILLSIISRVELEGGVYREAAQAGLRRSRLDV(MSE)LKVLPVLDFD
GAAADEYRRIVESAGYSRRKVVDR(MSE)IAAQALAHRATFVTFNADDFRDIPGLSLLAW
;
B,C,F,G
3 'polydeoxyribonucleotide'
;(DC)(DT)(DC)(DC)(DG)(DT)(DC)(DA)(DA)(DT)(DA)(DT)(DG)(DC)(DG)(DT)(DA)(DT)(DA)(DT)
(DA)(DC)(DG)(DT)(DT)(DC)(DC)
;
M
4 'polydeoxyribonucleotide'
;(DG)(DG)(DA)(DA)(DC)(DG)(DT)(DA)(DT)(DA)(DT)(DA)(DC)(DG)(DC)(DA)(DT)(DA)(DT)(DT)
(DG)(DA)(DC)(DG)(DG)(DA)(DG)
;
N
#
loop_
_chem_comp.id
_chem_comp.type
_chem_comp.name
_chem_comp.formula
DA DNA linking 2'-DEOXYADENOSINE-5'-MONOPHOSPHATE 'C10 H14 N5 O6 P'
DC DNA linking 2'-DEOXYCYTIDINE-5'-MONOPHOSPHATE 'C9 H14 N3 O7 P'
DG DNA linking 2'-DEOXYGUANOSINE-5'-MONOPHOSPHATE 'C10 H14 N5 O7 P'
DT DNA linking THYMIDINE-5'-MONOPHOSPHATE 'C10 H15 N2 O8 P'
#
# COMPACT_ATOMS: atom_id res chain seq x y z
N HIS A 6 2.22 -4.00 -20.04
CA HIS A 6 2.32 -2.53 -20.02
C HIS A 6 1.23 -1.88 -19.18
N HIS A 7 1.25 -2.16 -17.85
CA HIS A 7 0.30 -1.59 -16.90
C HIS A 7 1.09 -1.32 -15.60
N ALA A 8 1.84 -0.23 -15.61
CA ALA A 8 2.76 0.05 -14.52
C ALA A 8 2.83 1.56 -14.29
N ARG A 9 3.36 1.93 -13.12
CA ARG A 9 3.56 3.32 -12.72
C ARG A 9 5.03 3.51 -12.38
N ALA A 10 5.50 4.75 -12.49
CA ALA A 10 6.87 5.07 -12.13
C ALA A 10 6.96 6.53 -11.75
N THR A 11 8.07 6.89 -11.10
CA THR A 11 8.44 8.29 -10.90
C THR A 11 9.71 8.62 -11.67
N GLY A 12 9.87 9.91 -11.98
CA GLY A 12 11.08 10.35 -12.67
C GLY A 12 11.19 11.86 -12.69
N LYS A 13 12.22 12.33 -13.38
CA LYS A 13 12.58 13.74 -13.37
C LYS A 13 12.93 14.13 -14.79
N THR A 14 12.56 15.34 -15.19
CA THR A 14 13.00 15.86 -16.48
C THR A 14 14.52 16.00 -16.49
N PHE A 15 15.10 15.92 -17.68
CA PHE A 15 16.53 16.15 -17.82
C PHE A 15 16.80 16.83 -19.17
N ARG A 16 18.00 17.40 -19.31
CA ARG A 16 18.37 18.06 -20.54
C ARG A 16 19.14 17.11 -21.44
N SER A 17 18.66 16.94 -22.67
CA SER A 17 19.33 16.09 -23.64
C SER A 17 19.85 16.92 -24.81
N GLY A 18 20.74 17.87 -24.52
CA GLY A 18 21.23 18.85 -25.47
C GLY A 18 20.15 19.70 -26.11
N ASN A 19 19.91 20.91 -25.57
CA ASN A 19 19.06 21.91 -26.19
C ASN A 19 17.57 21.57 -26.20
N SER A 20 17.20 20.35 -25.89
CA SER A 20 15.79 20.01 -25.76
C SER A 20 15.59 19.21 -24.49
N GLU A 21 14.46 19.44 -23.85
CA GLU A 21 14.08 18.64 -22.69
C GLU A 21 13.76 17.22 -23.14
N ALA A 22 13.80 16.30 -22.18
CA ALA A 22 13.46 14.92 -22.45
C ALA A 22 13.07 14.24 -21.16
N VAL A 23 12.31 13.16 -21.29
CA VAL A 23 11.85 12.36 -20.15
C VAL A 23 12.18 10.90 -20.43
N ARG A 24 12.74 10.22 -19.43
CA ARG A 24 13.05 8.79 -19.55
C ARG A 24 11.81 7.93 -19.34
N LEU A 25 11.73 6.85 -20.09
CA LEU A 25 10.62 5.92 -19.98
C LEU A 25 11.19 4.59 -19.51
N PRO A 26 10.86 4.14 -18.30
CA PRO A 26 11.32 2.83 -17.82
C PRO A 26 10.87 1.72 -18.76
N ARG A 27 11.40 0.53 -18.51
CA ARG A 27 11.20 -0.60 -19.42
C ARG A 27 9.71 -0.95 -19.55
N ASP A 28 9.00 -1.11 -18.43
CA ASP A 28 7.61 -1.56 -18.50
C ASP A 28 6.67 -0.50 -19.08
N LEU A 29 7.09 0.76 -19.11
CA LEU A 29 6.30 1.88 -19.65
C LEU A 29 6.68 2.23 -21.07
N ALA A 30 7.80 1.71 -21.58
CA ALA A 30 8.36 2.15 -22.85
C ALA A 30 7.49 1.68 -24.01
N PHE A 31 7.54 2.44 -25.11
CA PHE A 31 7.08 1.99 -26.40
C PHE A 31 8.29 1.47 -27.18
N GLY A 32 8.06 0.95 -28.37
CA GLY A 32 9.18 0.49 -29.17
C GLY A 32 10.19 1.58 -29.52
N ALA A 33 11.02 1.32 -30.52
CA ALA A 33 11.93 2.33 -31.01
C ALA A 33 11.54 2.86 -32.37
N ASP A 34 10.65 2.16 -33.08
CA ASP A 34 10.25 2.53 -34.42
C ASP A 34 8.74 2.75 -34.51
N VAL A 35 8.12 3.09 -33.40
CA VAL A 35 6.71 3.45 -33.38
C VAL A 35 6.62 4.96 -33.32
N GLU A 36 5.70 5.52 -34.11
CA GLU A 36 5.39 6.94 -34.10
C GLU A 36 4.35 7.23 -33.02
N LEU A 37 4.65 8.20 -32.14
CA LEU A 37 3.75 8.55 -31.04
C LEU A 37 3.18 9.95 -31.24
N THR A 38 1.99 10.14 -30.69
CA THR A 38 1.41 11.48 -30.51
C THR A 38 1.50 11.87 -29.03
N LEU A 39 1.91 13.12 -28.79
CA LEU A 39 2.11 13.66 -27.44
C LEU A 39 1.24 14.90 -27.28
N ILE A 40 0.27 14.87 -26.39
CA ILE A 40 -0.61 16.01 -26.23
C ILE A 40 -0.55 16.48 -24.79
N ARG A 41 -0.23 17.75 -24.62
CA ARG A 41 -0.24 18.38 -23.32
C ARG A 41 -1.54 19.15 -23.16
N SER A 42 -2.26 18.88 -22.06
CA SER A 42 -3.36 19.72 -21.63
C SER A 42 -3.06 20.17 -20.22
N GLY A 43 -2.92 21.47 -20.04
CA GLY A 43 -2.54 21.99 -18.75
C GLY A 43 -1.12 21.57 -18.47
N ASP A 44 -0.89 20.85 -17.39
CA ASP A 44 0.41 20.21 -17.25
C ASP A 44 0.30 18.70 -17.28
N VAL A 45 -0.75 18.15 -17.88
CA VAL A 45 -0.84 16.71 -18.10
C VAL A 45 -0.40 16.39 -19.52
N LEU A 46 0.57 15.49 -19.65
CA LEU A 46 1.09 15.03 -20.93
C LEU A 46 0.54 13.63 -21.21
N THR A 47 -0.07 13.46 -22.39
CA THR A 47 -0.71 12.20 -22.77
C THR A 47 -0.08 11.69 -24.05
N ILE A 48 0.58 10.54 -23.97
CA ILE A 48 1.31 9.94 -25.08
C ILE A 48 0.64 8.62 -25.47
N TYR A 49 0.61 8.33 -26.78
CA TYR A 49 0.06 7.07 -27.28
C TYR A 49 0.49 6.91 -28.75
N PRO A 50 0.47 5.68 -29.28
CA PRO A 50 0.89 5.48 -30.67
C PRO A 50 -0.05 6.18 -31.63
N SER A 51 0.53 6.80 -32.65
CA SER A 51 -0.23 7.66 -33.54
C SER A 51 -1.17 6.85 -34.42
N LYS A 52 -2.37 7.39 -34.61
CA LYS A 52 -3.40 6.73 -35.41
C LYS A 52 -3.95 7.79 -36.33
N GLY A 53 -5.14 7.55 -36.88
CA GLY A 53 -5.79 8.60 -37.64
C GLY A 53 -6.15 9.79 -36.75
N SER A 54 -6.49 10.89 -37.42
CA SER A 54 -7.12 12.02 -36.77
C SER A 54 -8.58 11.74 -36.39
N ILE A 55 -9.10 12.55 -35.46
CA ILE A 55 -10.52 12.51 -35.13
C ILE A 55 -11.36 12.91 -36.34
N ALA A 56 -10.92 13.91 -37.08
CA ALA A 56 -11.67 14.35 -38.26
C ALA A 56 -11.77 13.22 -39.29
N ASP A 57 -10.67 12.52 -39.54
CA ASP A 57 -10.77 11.39 -40.46
C ASP A 57 -11.60 10.26 -39.88
N LEU A 58 -11.69 10.14 -38.55
CA LEU A 58 -12.56 9.11 -38.01
C LEU A 58 -14.02 9.42 -38.33
N VAL A 59 -14.44 10.67 -38.09
CA VAL A 59 -15.80 11.08 -38.42
C VAL A 59 -16.05 10.98 -39.93
N ALA A 60 -15.07 11.38 -40.75
CA ALA A 60 -15.22 11.21 -42.20
C ALA A 60 -15.51 9.75 -42.57
N THR A 61 -14.91 8.81 -41.87
CA THR A 61 -15.13 7.42 -42.23
C THR A 61 -16.48 6.93 -41.73
N LEU A 62 -16.80 7.22 -40.48
CA LEU A 62 -18.13 6.92 -39.97
C LEU A 62 -19.21 7.54 -40.85
N ASN A 63 -18.93 8.66 -41.49
CA ASN A 63 -19.91 9.31 -42.33
C ASN A 63 -20.15 8.58 -43.64
N GLN A 64 -19.21 7.80 -44.13
CA GLN A 64 -19.46 7.06 -45.36
C GLN A 64 -20.18 5.74 -45.10
N MSE A 65 -20.68 5.52 -43.89
CA MSE A 65 -21.49 4.35 -43.58
C MSE A 65 -22.82 4.76 -42.96
O MSE A 65 -22.94 5.84 -42.35
CB MSE A 65 -20.73 3.44 -42.64
CG MSE A 65 -19.25 3.26 -42.97
SE MSE A 65 -18.32 2.22 -41.57
CE MSE A 65 -19.11 0.55 -42.09
N PRO A 66 -23.84 3.92 -43.13
CA PRO A 66 -25.16 4.24 -42.56
C PRO A 66 -25.11 4.37 -41.04
N ARG A 67 -26.03 5.12 -40.52
CA ARG A 67 -26.08 5.20 -39.08
C ARG A 67 -27.05 4.17 -38.51
N PRO A 68 -26.78 3.62 -37.33
CA PRO A 68 -27.74 2.69 -36.73
C PRO A 68 -29.09 3.35 -36.54
N ASP A 69 -30.14 2.54 -36.65
CA ASP A 69 -31.51 3.05 -36.69
C ASP A 69 -31.94 3.74 -35.40
N SER A 70 -31.17 3.63 -34.31
CA SER A 70 -31.38 4.44 -33.10
C SER A 70 -30.21 4.24 -32.12
N ALA B 2 -6.23 15.46 -21.02
CA ALA B 2 -6.95 14.53 -21.90
C ALA B 2 -8.42 14.38 -21.51
N TYR B 3 -9.15 13.63 -22.31
CA TYR B 3 -10.57 13.39 -22.07
C TYR B 3 -10.84 11.89 -22.14
N VAL B 4 -11.53 11.37 -21.14
CA VAL B 4 -12.10 10.02 -21.20
C VAL B 4 -13.59 10.17 -21.52
N LEU B 5 -14.07 9.47 -22.54
CA LEU B 5 -15.49 9.53 -22.91
C LEU B 5 -16.27 8.50 -22.12
N ASP B 6 -17.31 8.96 -21.44
CA ASP B 6 -18.37 8.08 -20.98
C ASP B 6 -18.81 7.13 -22.10
N THR B 7 -19.21 5.91 -21.72
CA THR B 7 -19.73 4.96 -22.68
C THR B 7 -20.87 5.55 -23.54
N ASN B 8 -21.80 6.31 -22.94
CA ASN B 8 -22.90 6.84 -23.76
C ASN B 8 -22.37 7.78 -24.84
N VAL B 9 -21.42 8.65 -24.48
CA VAL B 9 -20.79 9.50 -25.48
C VAL B 9 -20.14 8.64 -26.55
N ALA B 10 -19.37 7.63 -26.13
CA ALA B 10 -18.78 6.69 -27.10
C ALA B 10 -19.86 6.07 -28.00
N ILE B 11 -21.02 5.73 -27.43
CA ILE B 11 -22.08 5.11 -28.23
C ILE B 11 -22.57 6.08 -29.29
N HIS B 12 -22.87 7.32 -28.88
CA HIS B 12 -23.25 8.34 -29.87
C HIS B 12 -22.15 8.62 -30.88
N LEU B 13 -20.88 8.55 -30.47
CA LEU B 13 -19.82 8.75 -31.46
C LEU B 13 -19.83 7.62 -32.48
N ARG B 14 -19.86 6.36 -31.99
CA ARG B 14 -19.90 5.24 -32.91
C ARG B 14 -21.05 5.39 -33.90
N ASP B 15 -22.19 5.87 -33.42
CA ASP B 15 -23.40 6.06 -34.20
C ASP B 15 -23.41 7.37 -34.98
N GLY B 16 -22.35 8.17 -34.88
CA GLY B 16 -22.22 9.38 -35.66
C GLY B 16 -23.26 10.44 -35.39
N ASP B 17 -23.77 10.52 -34.15
CA ASP B 17 -24.71 11.58 -33.76
C ASP B 17 -24.03 12.92 -34.00
N PRO B 18 -24.54 13.74 -34.92
CA PRO B 18 -23.79 14.93 -35.31
C PRO B 18 -23.50 15.86 -34.15
N GLU B 19 -24.46 16.10 -33.26
CA GLU B 19 -24.20 16.92 -32.10
C GLU B 19 -23.07 16.38 -31.23
N VAL B 20 -22.79 15.08 -31.28
CA VAL B 20 -21.63 14.56 -30.54
C VAL B 20 -20.38 14.56 -31.42
N THR B 21 -20.47 14.16 -32.69
CA THR B 21 -19.26 14.17 -33.50
C THR B 21 -18.75 15.59 -33.71
N THR B 22 -19.63 16.58 -33.73
CA THR B 22 -19.14 17.93 -33.93
C THR B 22 -18.44 18.45 -32.68
N ARG B 23 -18.92 18.05 -31.48
CA ARG B 23 -18.26 18.49 -30.25
C ARG B 23 -16.92 17.77 -30.04
N VAL B 24 -16.88 16.47 -30.30
CA VAL B 24 -15.65 15.71 -30.10
C VAL B 24 -14.51 16.25 -30.99
N THR B 25 -14.81 16.61 -32.24
CA THR B 25 -13.76 17.19 -33.07
C THR B 25 -13.22 18.49 -32.48
N ALA B 26 -14.03 19.24 -31.74
CA ALA B 26 -13.60 20.55 -31.32
C ALA B 26 -12.80 20.55 -30.02
N LEU B 27 -12.73 19.41 -29.33
CA LEU B 27 -11.80 19.27 -28.21
C LEU B 27 -10.36 19.26 -28.74
N ASN B 28 -9.46 19.97 -28.04
CA ASN B 28 -8.07 20.05 -28.48
C ASN B 28 -7.12 19.24 -27.60
N GLY B 29 -7.63 18.35 -26.76
CA GLY B 29 -6.80 17.41 -26.02
C GLY B 29 -6.99 15.99 -26.53
N ALA B 30 -6.27 15.08 -25.87
CA ALA B 30 -6.33 13.67 -26.25
C ALA B 30 -7.69 13.07 -25.89
N ILE B 31 -8.23 12.27 -26.81
CA ILE B 31 -9.52 11.60 -26.62
C ILE B 31 -9.26 10.13 -26.41
N LEU B 32 -9.75 9.62 -25.28
CA LEU B 32 -9.38 8.34 -24.71
C LEU B 32 -10.63 7.53 -24.43
N LEU B 33 -10.57 6.23 -24.74
CA LEU B 33 -11.68 5.32 -24.57
C LEU B 33 -11.34 4.23 -23.55
N SER B 34 -12.16 4.10 -22.51
CA SER B 34 -11.93 3.08 -21.49
C SER B 34 -12.24 1.69 -22.03
N ILE B 35 -11.37 0.72 -21.72
CA ILE B 35 -11.61 -0.66 -22.14
C ILE B 35 -12.93 -1.19 -21.59
N ILE B 36 -13.50 -0.52 -20.58
CA ILE B 36 -14.82 -0.92 -20.13
C ILE B 36 -15.84 -0.54 -21.19
N SER B 37 -15.77 0.71 -21.65
CA SER B 37 -16.65 1.12 -22.73
C SER B 37 -16.48 0.21 -23.93
N ARG B 38 -15.23 -0.16 -24.25
CA ARG B 38 -15.06 -1.08 -25.36
C ARG B 38 -15.76 -2.43 -25.11
N VAL B 39 -15.83 -2.90 -23.86
CA VAL B 39 -16.53 -4.16 -23.60
C VAL B 39 -18.04 -4.00 -23.75
N GLU B 40 -18.59 -2.86 -23.30
CA GLU B 40 -20.01 -2.55 -23.52
C GLU B 40 -20.34 -2.49 -25.03
N LEU B 41 -19.65 -1.62 -25.77
CA LEU B 41 -19.81 -1.58 -27.21
C LEU B 41 -19.68 -2.95 -27.85
N GLU B 42 -18.68 -3.75 -27.44
CA GLU B 42 -18.51 -5.08 -28.04
C GLU B 42 -19.75 -5.96 -27.83
N GLY B 43 -20.39 -5.86 -26.67
CA GLY B 43 -21.61 -6.60 -26.44
C GLY B 43 -22.78 -6.01 -27.20
N GLY B 44 -22.75 -4.69 -27.43
CA GLY B 44 -23.82 -4.00 -28.13
C GLY B 44 -23.90 -4.36 -29.59
N VAL B 45 -22.82 -4.90 -30.15
CA VAL B 45 -22.86 -5.40 -31.52
C VAL B 45 -23.96 -6.45 -31.68
N TYR B 46 -24.28 -7.20 -30.64
CA TYR B 46 -25.23 -8.31 -30.76
C TYR B 46 -26.46 -8.10 -29.88
N ARG B 47 -26.75 -6.85 -29.54
CA ARG B 47 -27.95 -6.58 -28.75
C ARG B 47 -29.20 -7.01 -29.51
N GLU B 48 -29.38 -6.49 -30.72
CA GLU B 48 -30.46 -6.96 -31.59
C GLU B 48 -29.88 -7.73 -32.75
N ALA B 49 -30.78 -8.34 -33.52
CA ALA B 49 -30.38 -9.15 -34.65
C ALA B 49 -30.02 -8.27 -35.84
N ALA B 50 -30.87 -7.28 -36.15
CA ALA B 50 -30.62 -6.40 -37.29
C ALA B 50 -29.41 -5.49 -37.03
N GLN B 51 -28.66 -5.21 -38.11
CA GLN B 51 -27.55 -4.23 -38.13
C GLN B 51 -26.43 -4.57 -37.14
N ALA B 52 -26.22 -5.86 -36.82
CA ALA B 52 -25.06 -6.24 -36.02
C ALA B 52 -23.78 -6.00 -36.79
N GLY B 53 -23.75 -6.33 -38.07
CA GLY B 53 -22.57 -6.09 -38.87
C GLY B 53 -22.29 -4.61 -39.03
N LEU B 54 -23.34 -3.80 -38.97
CA LEU B 54 -23.14 -2.36 -39.09
C LEU B 54 -22.56 -1.80 -37.80
N ARG B 55 -23.10 -2.21 -36.65
CA ARG B 55 -22.48 -1.86 -35.38
C ARG B 55 -21.05 -2.43 -35.25
N ARG B 56 -20.81 -3.65 -35.76
CA ARG B 56 -19.46 -4.22 -35.78
C ARG B 56 -18.50 -3.34 -36.57
N SER B 57 -18.81 -3.11 -37.84
CA SER B 57 -18.07 -2.21 -38.72
C SER B 57 -17.73 -0.88 -38.07
N ARG B 58 -18.73 -0.19 -37.53
CA ARG B 58 -18.50 1.18 -37.07
C ARG B 58 -17.65 1.21 -35.81
N LEU B 59 -17.88 0.25 -34.90
CA LEU B 59 -17.02 0.10 -33.74
C LEU B 59 -15.58 -0.22 -34.15
N ASP B 60 -15.40 -0.97 -35.23
CA ASP B 60 -14.06 -1.23 -35.70
C ASP B 60 -13.33 0.05 -36.06
N VAL B 61 -13.95 0.90 -36.90
CA VAL B 61 -13.19 2.08 -37.31
C VAL B 61 -12.98 3.02 -36.13
N MSE B 62 -13.78 2.93 -35.08
CA MSE B 62 -13.54 3.75 -33.90
C MSE B 62 -12.33 3.24 -33.14
O MSE B 62 -11.43 4.00 -32.82
CB MSE B 62 -14.76 3.78 -33.00
CG MSE B 62 -14.71 4.83 -31.90
SE MSE B 62 -16.49 5.03 -31.11
CE MSE B 62 -16.20 6.35 -29.76
N LEU B 63 -12.32 1.93 -32.86
CA LEU B 63 -11.22 1.34 -32.11
C LEU B 63 -9.92 1.39 -32.87
N LYS B 64 -9.98 1.67 -34.17
CA LYS B 64 -8.75 1.78 -34.94
C LYS B 64 -8.10 3.13 -34.71
N VAL B 65 -8.86 4.09 -34.19
CA VAL B 65 -8.39 5.47 -34.06
C VAL B 65 -8.18 5.87 -32.60
N LEU B 66 -9.05 5.43 -31.67
CA LEU B 66 -8.99 5.98 -30.31
C LEU B 66 -8.14 5.13 -29.40
N PRO B 67 -7.15 5.69 -28.70
CA PRO B 67 -6.39 4.89 -27.75
C PRO B 67 -7.26 4.41 -26.61
N VAL B 68 -6.99 3.21 -26.12
CA VAL B 68 -7.82 2.56 -25.12
C VAL B 68 -7.06 2.49 -23.81
N LEU B 69 -7.67 3.01 -22.74
CA LEU B 69 -7.16 2.80 -21.40
C LEU B 69 -7.50 1.40 -20.92
N ASP B 70 -6.49 0.61 -20.57
CA ASP B 70 -6.75 -0.69 -19.98
C ASP B 70 -7.06 -0.54 -18.49
N PHE B 71 -7.94 -1.40 -17.98
CA PHE B 71 -8.35 -1.31 -16.57
C PHE B 71 -7.37 -2.11 -15.72
N ASP B 72 -6.61 -1.42 -14.89
CA ASP B 72 -5.46 -2.03 -14.23
C ASP B 72 -5.41 -1.68 -12.74
N GLY B 73 -4.30 -2.01 -12.07
CA GLY B 73 -4.25 -1.83 -10.62
C GLY B 73 -4.43 -0.41 -10.18
N ALA B 74 -3.82 0.54 -10.90
CA ALA B 74 -3.96 1.95 -10.55
C ALA B 74 -5.43 2.37 -10.59
N ALA B 75 -6.18 1.92 -11.61
CA ALA B 75 -7.60 2.24 -11.68
C ALA B 75 -8.38 1.63 -10.51
N ALA B 76 -8.12 0.36 -10.18
CA ALA B 76 -8.80 -0.25 -9.04
C ALA B 76 -8.49 0.52 -7.75
N ASP B 77 -7.25 1.02 -7.61
CA ASP B 77 -6.90 1.86 -6.47
C ASP B 77 -7.80 3.08 -6.39
N GLU B 78 -7.99 3.77 -7.53
CA GLU B 78 -8.90 4.90 -7.55
C GLU B 78 -10.32 4.46 -7.23
N TYR B 79 -10.76 3.35 -7.81
CA TYR B 79 -12.10 2.85 -7.49
C TYR B 79 -12.30 2.71 -5.99
N ARG B 80 -11.33 2.08 -5.30
CA ARG B 80 -11.45 1.92 -3.86
C ARG B 80 -11.64 3.26 -3.15
N ARG B 81 -10.89 4.27 -3.58
CA ARG B 81 -11.00 5.56 -2.94
C ARG B 81 -12.34 6.22 -3.22
N ILE B 82 -12.92 6.02 -4.41
CA ILE B 82 -14.29 6.50 -4.65
C ILE B 82 -15.23 5.87 -3.64
N VAL B 83 -15.16 4.55 -3.48
CA VAL B 83 -16.01 3.86 -2.53
C VAL B 83 -15.80 4.39 -1.11
N GLU B 84 -14.56 4.67 -0.75
CA GLU B 84 -14.29 5.14 0.60
C GLU B 84 -14.89 6.52 0.87
N SER B 85 -14.76 7.45 -0.07
CA SER B 85 -15.27 8.81 0.15
C SER B 85 -16.79 8.92 -0.07
N ALA B 86 -17.34 8.16 -1.02
CA ALA B 86 -18.74 8.36 -1.41
C ALA B 86 -19.68 7.30 -0.89
N GLY B 87 -19.14 6.19 -0.38
CA GLY B 87 -19.95 5.04 -0.02
C GLY B 87 -20.16 4.10 -1.20
N TYR B 88 -20.40 2.82 -0.89
CA TYR B 88 -20.69 1.86 -1.94
C TYR B 88 -22.01 2.15 -2.63
N SER B 89 -22.07 1.79 -3.90
CA SER B 89 -23.31 1.84 -4.66
C SER B 89 -23.26 0.79 -5.76
N ARG B 90 -24.15 -0.21 -5.68
CA ARG B 90 -24.21 -1.25 -6.70
C ARG B 90 -24.45 -0.66 -8.08
N ARG B 91 -25.31 0.37 -8.15
CA ARG B 91 -25.74 0.92 -9.43
C ARG B 91 -24.59 1.62 -10.16
N LYS B 92 -23.65 2.21 -9.41
CA LYS B 92 -22.65 3.10 -10.00
C LYS B 92 -21.29 2.44 -10.17
N VAL B 93 -21.20 1.12 -9.97
CA VAL B 93 -19.88 0.47 -10.00
C VAL B 93 -19.21 0.68 -11.35
N VAL B 94 -19.92 0.37 -12.44
CA VAL B 94 -19.32 0.42 -13.77
C VAL B 94 -18.89 1.84 -14.12
N ASP B 95 -19.81 2.81 -14.00
CA ASP B 95 -19.40 4.19 -14.26
C ASP B 95 -18.23 4.61 -13.38
N ARG B 96 -18.12 4.07 -12.17
CA ARG B 96 -17.03 4.47 -11.28
C ARG B 96 -15.70 3.87 -11.70
N MSE B 97 -15.70 2.65 -12.24
CA MSE B 97 -14.46 2.09 -12.80
C MSE B 97 -13.94 3.00 -13.89
O MSE B 97 -12.75 3.28 -13.94
CB MSE B 97 -14.65 0.68 -13.35
CG MSE B 97 -15.03 -0.31 -12.32
SE MSE B 97 -15.38 -2.05 -13.07
CE MSE B 97 -13.69 -2.31 -13.92
N ILE B 98 -14.84 3.47 -14.78
CA ILE B 98 -14.41 4.34 -15.86
C ILE B 98 -13.90 5.65 -15.32
N ALA B 99 -14.72 6.33 -14.50
CA ALA B 99 -14.27 7.53 -13.84
C ALA B 99 -12.95 7.27 -13.10
N ALA B 100 -12.80 6.10 -12.49
CA ALA B 100 -11.54 5.79 -11.79
C ALA B 100 -10.37 5.86 -12.75
N GLN B 101 -10.56 5.42 -13.99
CA GLN B 101 -9.48 5.51 -14.97
C GLN B 101 -9.18 6.95 -15.34
N ALA B 102 -10.20 7.82 -15.38
CA ALA B 102 -9.94 9.23 -15.65
C ALA B 102 -9.13 9.86 -14.54
N LEU B 103 -9.44 9.48 -13.30
CA LEU B 103 -8.67 9.95 -12.16
C LEU B 103 -7.22 9.51 -12.29
N ALA B 104 -7.00 8.25 -12.66
CA ALA B 104 -5.64 7.71 -12.70
C ALA B 104 -4.79 8.42 -13.74
N HIS B 105 -5.39 8.79 -14.88
CA HIS B 105 -4.68 9.48 -15.93
C HIS B 105 -4.94 10.98 -15.95
N ARG B 106 -5.51 11.52 -14.88
CA ARG B 106 -5.72 12.95 -14.73
C ARG B 106 -6.43 13.54 -15.94
N ALA B 107 -7.42 12.80 -16.43
CA ALA B 107 -8.25 13.17 -17.57
C ALA B 107 -9.60 13.70 -17.13
N THR B 108 -10.11 14.64 -17.92
CA THR B 108 -11.46 15.14 -17.73
C THR B 108 -12.46 14.11 -18.25
N PHE B 109 -13.47 13.82 -17.45
CA PHE B 109 -14.51 12.87 -17.78
C PHE B 109 -15.67 13.55 -18.50
N VAL B 110 -16.04 13.04 -19.68
CA VAL B 110 -17.02 13.68 -20.57
C VAL B 110 -18.30 12.85 -20.59
N THR B 111 -19.44 13.47 -20.25
CA THR B 111 -20.64 12.73 -19.92
C THR B 111 -21.91 13.54 -20.18
N PHE B 112 -23.00 12.83 -20.52
CA PHE B 112 -24.35 13.40 -20.50
C PHE B 112 -24.98 13.37 -19.11
N ASN B 113 -24.27 12.94 -18.08
CA ASN B 113 -24.88 12.52 -16.82
C ASN B 113 -24.02 13.00 -15.66
N ALA B 114 -23.54 14.26 -15.72
CA ALA B 114 -22.56 14.75 -14.76
C ALA B 114 -23.05 14.66 -13.31
N ASP B 115 -24.36 14.87 -13.10
CA ASP B 115 -24.87 14.89 -11.73
C ASP B 115 -24.57 13.59 -11.02
N ASP B 116 -24.43 12.51 -11.77
CA ASP B 116 -24.19 11.20 -11.22
C ASP B 116 -22.76 11.01 -10.76
N PHE B 117 -21.84 11.88 -11.18
CA PHE B 117 -20.42 11.76 -10.88
C PHE B 117 -19.91 12.89 -9.98
N ARG B 118 -20.80 13.61 -9.31
CA ARG B 118 -20.36 14.74 -8.52
C ARG B 118 -19.94 14.36 -7.10
N ASP B 119 -20.02 13.07 -6.77
CA ASP B 119 -19.57 12.48 -5.52
C ASP B 119 -18.21 11.79 -5.65
N ILE B 120 -17.50 11.99 -6.75
CA ILE B 120 -16.18 11.40 -6.97
C ILE B 120 -15.15 12.49 -6.75
N PRO B 121 -14.42 12.50 -5.62
CA PRO B 121 -13.49 13.60 -5.34
C PRO B 121 -12.36 13.70 -6.37
N GLY B 122 -12.05 14.94 -6.75
CA GLY B 122 -11.00 15.21 -7.71
C GLY B 122 -11.34 14.91 -9.16
N LEU B 123 -12.52 14.38 -9.45
CA LEU B 123 -12.89 14.17 -10.86
C LEU B 123 -13.20 15.51 -11.48
N SER B 124 -12.62 15.78 -12.63
CA SER B 124 -12.98 16.98 -13.37
C SER B 124 -13.93 16.58 -14.49
N LEU B 125 -15.03 17.33 -14.62
CA LEU B 125 -16.14 16.95 -15.49
C LEU B 125 -16.34 17.92 -16.65
N LEU B 126 -16.89 17.37 -17.72
CA LEU B 126 -17.33 18.12 -18.89
C LEU B 126 -18.72 17.59 -19.23
N ALA B 127 -19.75 18.42 -19.02
CA ALA B 127 -21.14 18.03 -19.13
C ALA B 127 -21.70 18.43 -20.50
N TRP B 128 -22.21 17.44 -21.25
CA TRP B 128 -22.71 17.68 -22.63
C TRP B 128 -24.22 17.46 -22.76
N ALA C 2 -2.31 -22.81 -14.39
CA ALA C 2 -2.73 -21.64 -13.62
C ALA C 2 -4.24 -21.63 -13.38
N TYR C 3 -4.68 -21.02 -12.29
CA TYR C 3 -6.09 -21.01 -11.91
C TYR C 3 -6.56 -19.58 -11.72
N VAL C 4 -7.74 -19.24 -12.26
CA VAL C 4 -8.42 -17.97 -12.01
C VAL C 4 -9.68 -18.26 -11.20
N LEU C 5 -9.86 -17.55 -10.10
CA LEU C 5 -10.97 -17.81 -9.19
C LEU C 5 -12.19 -17.00 -9.59
N ASP C 6 -13.35 -17.66 -9.59
CA ASP C 6 -14.63 -16.96 -9.67
C ASP C 6 -14.71 -15.95 -8.52
N THR C 7 -15.35 -14.80 -8.80
CA THR C 7 -15.52 -13.77 -7.78
C THR C 7 -16.19 -14.32 -6.51
N ASN C 8 -17.12 -15.27 -6.64
CA ASN C 8 -17.75 -15.82 -5.45
C ASN C 8 -16.75 -16.62 -4.62
N VAL C 9 -15.92 -17.44 -5.26
CA VAL C 9 -14.82 -18.09 -4.56
C VAL C 9 -14.00 -17.06 -3.79
N ALA C 10 -13.68 -15.93 -4.43
CA ALA C 10 -12.84 -14.94 -3.75
C ALA C 10 -13.59 -14.22 -2.65
N ILE C 11 -14.89 -14.01 -2.81
CA ILE C 11 -15.65 -13.43 -1.71
C ILE C 11 -15.66 -14.40 -0.53
N HIS C 12 -15.91 -15.69 -0.80
CA HIS C 12 -15.89 -16.67 0.28
C HIS C 12 -14.49 -16.84 0.85
N LEU C 13 -13.45 -16.66 0.04
CA LEU C 13 -12.12 -16.68 0.58
C LEU C 13 -11.92 -15.49 1.52
N ARG C 14 -12.28 -14.28 1.06
CA ARG C 14 -12.18 -13.10 1.90
C ARG C 14 -12.92 -13.28 3.22
N ASP C 15 -14.12 -13.85 3.19
CA ASP C 15 -14.97 -13.87 4.38
C ASP C 15 -14.85 -15.17 5.16
N GLY C 16 -13.82 -15.96 4.91
CA GLY C 16 -13.47 -17.04 5.80
C GLY C 16 -14.38 -18.25 5.72
N ASP C 17 -14.91 -18.53 4.54
CA ASP C 17 -15.79 -19.69 4.36
C ASP C 17 -14.98 -20.98 4.43
N PRO C 18 -15.28 -21.89 5.36
CA PRO C 18 -14.46 -23.11 5.49
C PRO C 18 -14.54 -24.03 4.26
N GLU C 19 -15.70 -24.12 3.60
CA GLU C 19 -15.83 -24.93 2.39
C GLU C 19 -14.89 -24.46 1.27
N VAL C 20 -14.59 -23.17 1.19
CA VAL C 20 -13.75 -22.64 0.12
C VAL C 20 -12.29 -22.53 0.55
N THR C 21 -12.05 -22.12 1.79
CA THR C 21 -10.67 -22.08 2.28
C THR C 21 -10.04 -23.47 2.23
N THR C 22 -10.77 -24.51 2.66
CA THR C 22 -10.19 -25.85 2.61
C THR C 22 -9.98 -26.31 1.17
N ARG C 23 -10.90 -25.98 0.25
CA ARG C 23 -10.75 -26.48 -1.11
C ARG C 23 -9.64 -25.77 -1.88
N VAL C 24 -9.36 -24.49 -1.55
CA VAL C 24 -8.39 -23.73 -2.33
C VAL C 24 -6.97 -24.25 -2.10
N THR C 25 -6.65 -24.71 -0.88
CA THR C 25 -5.28 -25.17 -0.60
C THR C 25 -4.84 -26.33 -1.49
N ALA C 26 -5.77 -27.13 -2.01
CA ALA C 26 -5.39 -28.22 -2.90
C ALA C 26 -4.96 -27.74 -4.28
N LEU C 27 -5.18 -26.47 -4.62
CA LEU C 27 -4.91 -25.98 -5.96
C LEU C 27 -3.40 -25.84 -6.19
N ASN C 28 -2.88 -26.57 -7.16
CA ASN C 28 -1.49 -26.43 -7.59
C ASN C 28 -1.33 -25.30 -8.61
N GLY C 29 -0.11 -24.79 -8.71
CA GLY C 29 0.16 -23.76 -9.71
C GLY C 29 -0.29 -22.38 -9.27
N ALA C 30 -0.27 -21.46 -10.22
CA ALA C 30 -0.59 -20.08 -9.89
C ALA C 30 -2.09 -19.90 -9.71
N ILE C 31 -2.48 -19.31 -8.58
CA ILE C 31 -3.85 -18.86 -8.33
C ILE C 31 -3.90 -17.37 -8.59
N LEU C 32 -4.79 -16.95 -9.51
CA LEU C 32 -4.89 -15.58 -10.01
C LEU C 32 -6.26 -14.98 -9.76
N LEU C 33 -6.31 -13.66 -9.66
CA LEU C 33 -7.58 -12.92 -9.59
C LEU C 33 -7.72 -12.00 -10.79
N SER C 34 -8.96 -11.89 -11.26
CA SER C 34 -9.31 -10.87 -12.25
C SER C 34 -9.39 -9.48 -11.61
N ILE C 35 -8.76 -8.48 -12.25
CA ILE C 35 -8.93 -7.10 -11.80
C ILE C 35 -10.39 -6.79 -11.56
N ILE C 36 -11.29 -7.34 -12.41
CA ILE C 36 -12.72 -7.14 -12.20
C ILE C 36 -13.14 -7.73 -10.87
N SER C 37 -12.71 -8.97 -10.59
CA SER C 37 -13.00 -9.55 -9.28
C SER C 37 -12.45 -8.68 -8.17
N ARG C 38 -11.27 -8.08 -8.37
CA ARG C 38 -10.77 -7.18 -7.34
C ARG C 38 -11.73 -6.00 -7.11
N VAL C 39 -12.33 -5.46 -8.19
CA VAL C 39 -13.21 -4.31 -8.00
C VAL C 39 -14.40 -4.70 -7.14
N GLU C 40 -15.00 -5.86 -7.42
CA GLU C 40 -16.12 -6.37 -6.63
C GLU C 40 -15.76 -6.58 -5.18
N LEU C 41 -14.53 -7.03 -4.94
CA LEU C 41 -14.06 -7.23 -3.57
C LEU C 41 -13.85 -5.91 -2.87
N GLU C 42 -13.23 -4.92 -3.55
CA GLU C 42 -13.06 -3.61 -2.92
C GLU C 42 -14.41 -3.00 -2.54
N GLY C 43 -15.42 -3.20 -3.38
CA GLY C 43 -16.71 -2.63 -3.06
C GLY C 43 -17.30 -3.26 -1.81
N GLY C 44 -17.10 -4.57 -1.66
CA GLY C 44 -17.70 -5.27 -0.52
C GLY C 44 -17.17 -4.81 0.82
N VAL C 45 -15.89 -4.46 0.88
CA VAL C 45 -15.18 -4.15 2.12
C VAL C 45 -15.95 -3.16 2.97
N TYR C 46 -16.71 -2.28 2.33
CA TYR C 46 -17.31 -1.16 3.05
C TYR C 46 -18.83 -1.23 3.13
N ARG C 47 -19.45 -2.35 2.69
CA ARG C 47 -20.92 -2.40 2.65
C ARG C 47 -21.53 -2.50 4.04
N GLU C 48 -21.02 -3.38 4.91
CA GLU C 48 -21.37 -3.36 6.33
C GLU C 48 -20.27 -2.62 7.08
N ALA C 49 -20.65 -1.61 7.88
CA ALA C 49 -19.63 -0.76 8.50
C ALA C 49 -18.92 -1.49 9.65
N ALA C 50 -19.65 -2.17 10.52
CA ALA C 50 -18.99 -3.22 11.25
C ALA C 50 -18.52 -4.25 10.23
N GLN C 51 -17.58 -5.10 10.61
CA GLN C 51 -16.93 -6.00 9.66
C GLN C 51 -16.06 -5.28 8.63
N ALA C 52 -16.15 -3.95 8.53
CA ALA C 52 -15.37 -3.24 7.52
C ALA C 52 -13.86 -3.37 7.79
N GLY C 53 -13.46 -3.36 9.06
CA GLY C 53 -12.04 -3.36 9.39
C GLY C 53 -11.39 -4.70 9.12
N LEU C 54 -12.04 -5.79 9.54
CA LEU C 54 -11.79 -7.10 8.95
C LEU C 54 -12.11 -6.93 7.47
N ARG C 55 -12.15 -7.96 6.65
CA ARG C 55 -12.53 -7.70 5.24
C ARG C 55 -11.56 -6.74 4.54
N ARG C 56 -11.46 -5.50 5.03
CA ARG C 56 -10.35 -4.64 4.61
C ARG C 56 -9.01 -5.35 4.85
N SER C 57 -8.82 -5.84 6.07
CA SER C 57 -7.60 -6.56 6.43
C SER C 57 -7.53 -7.89 5.70
N ARG C 58 -8.64 -8.62 5.60
CA ARG C 58 -8.55 -9.91 4.94
C ARG C 58 -8.30 -9.75 3.44
N LEU C 59 -8.98 -8.80 2.79
CA LEU C 59 -8.74 -8.57 1.35
C LEU C 59 -7.31 -8.14 1.09
N ASP C 60 -6.75 -7.28 1.96
CA ASP C 60 -5.38 -6.84 1.75
C ASP C 60 -4.42 -8.01 1.73
N VAL C 61 -4.56 -8.92 2.70
CA VAL C 61 -3.68 -10.07 2.77
C VAL C 61 -3.79 -10.92 1.49
N MSE C 62 -5.01 -11.09 0.97
CA MSE C 62 -5.16 -11.80 -0.30
C MSE C 62 -4.41 -11.09 -1.43
O MSE C 62 -3.69 -11.73 -2.21
CB MSE C 62 -6.62 -11.94 -0.68
CG MSE C 62 -7.44 -12.73 0.30
SE MSE C 62 -9.35 -12.69 -0.12
CE MSE C 62 -9.31 -13.21 -2.00
N LEU C 63 -4.55 -9.77 -1.49
CA LEU C 63 -3.93 -9.02 -2.58
C LEU C 63 -2.41 -8.92 -2.41
N LYS C 64 -1.87 -9.17 -1.22
CA LYS C 64 -0.42 -9.30 -1.12
C LYS C 64 0.11 -10.60 -1.71
N VAL C 65 -0.74 -11.58 -2.02
CA VAL C 65 -0.30 -12.92 -2.39
C VAL C 65 -0.78 -13.32 -3.78
N LEU C 66 -2.05 -13.05 -4.13
CA LEU C 66 -2.59 -13.46 -5.44
C LEU C 66 -2.32 -12.37 -6.48
N PRO C 67 -1.65 -12.68 -7.60
CA PRO C 67 -1.58 -11.69 -8.68
C PRO C 67 -2.97 -11.36 -9.19
N VAL C 68 -3.18 -10.09 -9.49
CA VAL C 68 -4.41 -9.60 -10.10
C VAL C 68 -4.11 -9.32 -11.58
N LEU C 69 -4.99 -9.80 -12.48
CA LEU C 69 -4.81 -9.69 -13.93
C LEU C 69 -5.46 -8.41 -14.48
N ASP C 70 -4.68 -7.56 -15.15
CA ASP C 70 -5.28 -6.37 -15.72
C ASP C 70 -6.18 -6.70 -16.92
N PHE C 71 -7.24 -5.95 -17.07
CA PHE C 71 -8.16 -6.19 -18.19
C PHE C 71 -7.65 -5.39 -19.37
N ASP C 72 -7.20 -6.10 -20.41
CA ASP C 72 -6.54 -5.43 -21.53
C ASP C 72 -7.12 -5.83 -22.89
N GLY C 73 -6.43 -5.40 -23.96
CA GLY C 73 -6.93 -5.64 -25.30
C GLY C 73 -7.16 -7.12 -25.58
N ALA C 74 -6.26 -7.98 -25.09
CA ALA C 74 -6.45 -9.41 -25.28
C ALA C 74 -7.69 -9.89 -24.55
N ALA C 75 -7.88 -9.47 -23.30
CA ALA C 75 -9.08 -9.89 -22.59
C ALA C 75 -10.32 -9.38 -23.33
N ALA C 76 -10.25 -8.18 -23.89
CA ALA C 76 -11.41 -7.65 -24.60
C ALA C 76 -11.68 -8.45 -25.87
N ASP C 77 -10.62 -8.87 -26.58
CA ASP C 77 -10.79 -9.73 -27.76
C ASP C 77 -11.46 -11.04 -27.37
N GLU C 78 -11.07 -11.61 -26.23
CA GLU C 78 -11.70 -12.83 -25.74
C GLU C 78 -13.16 -12.60 -25.39
N TYR C 79 -13.50 -11.45 -24.80
CA TYR C 79 -14.90 -11.17 -24.52
C TYR C 79 -15.67 -11.03 -25.82
N ARG C 80 -15.07 -10.40 -26.84
CA ARG C 80 -15.74 -10.30 -28.13
C ARG C 80 -16.06 -11.66 -28.68
N ARG C 81 -15.11 -12.59 -28.56
CA ARG C 81 -15.32 -13.95 -29.05
C ARG C 81 -16.42 -14.66 -28.26
N ILE C 82 -16.48 -14.42 -26.94
CA ILE C 82 -17.58 -14.98 -26.16
C ILE C 82 -18.90 -14.52 -26.72
N VAL C 83 -19.04 -13.21 -26.85
CA VAL C 83 -20.33 -12.60 -27.19
C VAL C 83 -20.76 -13.00 -28.60
N GLU C 84 -19.81 -13.11 -29.54
CA GLU C 84 -20.13 -13.64 -30.88
C GLU C 84 -20.65 -15.07 -30.84
N SER C 85 -20.22 -15.87 -29.87
CA SER C 85 -20.59 -17.28 -29.92
C SER C 85 -21.83 -17.61 -29.12
N ALA C 86 -22.14 -16.81 -28.11
CA ALA C 86 -23.22 -17.12 -27.19
C ALA C 86 -24.26 -16.02 -27.14
N GLY C 87 -24.06 -14.97 -27.92
CA GLY C 87 -24.93 -13.81 -27.91
C GLY C 87 -24.61 -12.91 -26.73
N TYR C 88 -25.11 -11.68 -26.84
CA TYR C 88 -25.05 -10.72 -25.76
C TYR C 88 -25.96 -11.13 -24.60
N SER C 89 -25.55 -10.75 -23.40
CA SER C 89 -26.36 -10.94 -22.20
C SER C 89 -25.91 -9.92 -21.15
N ARG C 90 -26.79 -8.97 -20.81
CA ARG C 90 -26.42 -7.89 -19.91
C ARG C 90 -25.97 -8.41 -18.54
N ARG C 91 -26.73 -9.33 -17.95
CA ARG C 91 -26.43 -9.76 -16.59
C ARG C 91 -25.23 -10.68 -16.50
N LYS C 92 -24.75 -11.20 -17.62
CA LYS C 92 -23.56 -12.03 -17.61
C LYS C 92 -22.26 -11.28 -17.98
N VAL C 93 -22.27 -9.94 -18.04
CA VAL C 93 -21.09 -9.24 -18.58
C VAL C 93 -19.90 -9.36 -17.63
N VAL C 94 -20.12 -9.13 -16.34
CA VAL C 94 -19.05 -9.28 -15.34
C VAL C 94 -18.45 -10.69 -15.40
N ASP C 95 -19.29 -11.71 -15.23
CA ASP C 95 -18.75 -13.07 -15.26
C ASP C 95 -18.01 -13.37 -16.57
N ARG C 96 -18.45 -12.77 -17.68
CA ARG C 96 -17.79 -13.08 -18.94
C ARG C 96 -16.48 -12.32 -19.10
N MSE C 97 -16.33 -11.19 -18.42
CA MSE C 97 -15.06 -10.48 -18.42
C MSE C 97 -14.00 -11.28 -17.67
O MSE C 97 -12.87 -11.39 -18.10
CB MSE C 97 -15.23 -9.10 -17.81
CG MSE C 97 -16.01 -8.15 -18.69
SE MSE C 97 -16.15 -6.39 -17.92
CE MSE C 97 -14.28 -5.90 -18.07
N ILE C 98 -14.39 -11.85 -16.55
CA ILE C 98 -13.44 -12.67 -15.79
C ILE C 98 -13.05 -13.91 -16.60
N ALA C 99 -14.03 -14.65 -17.11
CA ALA C 99 -13.74 -15.81 -17.93
C ALA C 99 -12.86 -15.44 -19.13
N ALA C 100 -13.14 -14.30 -19.76
CA ALA C 100 -12.29 -13.84 -20.86
C ALA C 100 -10.83 -13.74 -20.44
N GLN C 101 -10.56 -13.23 -19.25
CA GLN C 101 -9.18 -13.18 -18.78
C GLN C 101 -8.64 -14.58 -18.52
N ALA C 102 -9.45 -15.46 -17.93
CA ALA C 102 -9.04 -16.85 -17.80
C ALA C 102 -8.71 -17.44 -19.16
N LEU C 103 -9.58 -17.22 -20.15
CA LEU C 103 -9.30 -17.68 -21.49
C LEU C 103 -7.98 -17.11 -22.00
N ALA C 104 -7.77 -15.80 -21.83
CA ALA C 104 -6.61 -15.12 -22.40
C ALA C 104 -5.30 -15.63 -21.82
N HIS C 105 -5.30 -15.95 -20.52
CA HIS C 105 -4.11 -16.44 -19.86
C HIS C 105 -4.01 -17.96 -19.86
N ARG C 106 -4.93 -18.65 -20.52
CA ARG C 106 -4.96 -20.12 -20.57
C ARG C 106 -5.03 -20.70 -19.15
N ALA C 107 -5.89 -20.15 -18.31
CA ALA C 107 -6.05 -20.61 -16.95
C ALA C 107 -7.38 -21.32 -16.79
N THR C 108 -7.43 -22.22 -15.82
CA THR C 108 -8.65 -22.91 -15.49
C THR C 108 -9.50 -22.07 -14.53
N PHE C 109 -10.76 -21.87 -14.90
CA PHE C 109 -11.71 -21.10 -14.12
C PHE C 109 -12.28 -21.96 -12.98
N VAL C 110 -12.21 -21.46 -11.76
CA VAL C 110 -12.62 -22.21 -10.58
C VAL C 110 -13.93 -21.62 -10.06
N THR C 111 -14.98 -22.42 -10.05
CA THR C 111 -16.29 -21.88 -9.75
C THR C 111 -17.15 -22.98 -9.15
N PHE C 112 -18.10 -22.60 -8.31
CA PHE C 112 -19.16 -23.54 -7.94
C PHE C 112 -20.50 -23.10 -8.51
N ASN C 113 -20.45 -22.43 -9.67
CA ASN C 113 -21.60 -22.13 -10.51
C ASN C 113 -21.23 -22.33 -11.96
N ALA C 114 -20.53 -23.42 -12.25
CA ALA C 114 -20.03 -23.66 -13.61
C ALA C 114 -21.14 -23.75 -14.65
N ASP C 115 -22.39 -23.94 -14.22
CA ASP C 115 -23.47 -23.91 -15.21
C ASP C 115 -23.70 -22.51 -15.76
N ASP C 116 -23.30 -21.46 -15.04
CA ASP C 116 -23.30 -20.10 -15.59
C ASP C 116 -22.27 -19.91 -16.70
N PHE C 117 -21.30 -20.82 -16.82
CA PHE C 117 -20.13 -20.63 -17.66
C PHE C 117 -20.01 -21.70 -18.74
N ARG C 118 -21.00 -22.59 -18.84
CA ARG C 118 -20.97 -23.64 -19.83
C ARG C 118 -21.18 -23.13 -21.24
N ASP C 119 -21.51 -21.85 -21.41
CA ASP C 119 -21.73 -21.30 -22.74
C ASP C 119 -20.52 -20.54 -23.27
N ILE C 120 -19.43 -20.54 -22.52
CA ILE C 120 -18.17 -19.92 -22.96
C ILE C 120 -17.32 -20.99 -23.63
N PRO C 121 -16.95 -20.80 -24.91
CA PRO C 121 -16.17 -21.83 -25.62
C PRO C 121 -14.71 -21.85 -25.20
N GLY C 122 -14.16 -23.07 -25.19
CA GLY C 122 -12.75 -23.29 -24.87
C GLY C 122 -12.36 -22.97 -23.45
N LEU C 123 -13.31 -22.69 -22.57
CA LEU C 123 -12.98 -22.33 -21.21
C LEU C 123 -12.76 -23.59 -20.38
N SER C 124 -11.56 -23.70 -19.82
CA SER C 124 -11.24 -24.83 -18.96
C SER C 124 -11.85 -24.58 -17.58
N LEU C 125 -12.73 -25.47 -17.14
CA LEU C 125 -13.52 -25.27 -15.94
C LEU C 125 -13.17 -26.29 -14.86
N LEU C 126 -13.30 -25.84 -13.62
CA LEU C 126 -13.22 -26.71 -12.45
C LEU C 126 -14.46 -26.43 -11.60
N ALA C 127 -15.31 -27.43 -11.42
CA ALA C 127 -16.67 -27.23 -10.93
C ALA C 127 -16.79 -27.77 -9.51
N TRP C 128 -16.91 -26.87 -8.54
CA TRP C 128 -16.95 -27.25 -7.14
C TRP C 128 -18.36 -27.50 -6.67
N HIS D 2 4.21 29.58 -17.41
CA HIS D 2 4.58 28.43 -18.25
C HIS D 2 3.50 28.16 -19.31
N HIS D 3 3.93 28.16 -20.57
CA HIS D 3 3.13 27.79 -21.74
C HIS D 3 2.07 28.83 -22.08
N HIS D 4 2.13 29.37 -23.30
CA HIS D 4 1.14 30.33 -23.76
C HIS D 4 -0.24 29.67 -23.87
N HIS D 5 -0.28 28.43 -24.35
CA HIS D 5 -1.54 27.74 -24.60
C HIS D 5 -1.74 26.57 -23.64
N HIS D 6 -3.01 26.33 -23.31
CA HIS D 6 -3.37 25.22 -22.43
C HIS D 6 -3.12 23.87 -23.10
N HIS D 7 -3.40 23.78 -24.41
CA HIS D 7 -3.16 22.59 -25.20
C HIS D 7 -2.00 22.82 -26.16
N ALA D 8 -1.33 21.73 -26.51
CA ALA D 8 -0.21 21.71 -27.43
C ALA D 8 0.05 20.27 -27.80
N ARG D 9 0.45 20.04 -29.05
CA ARG D 9 0.59 18.69 -29.53
C ARG D 9 1.85 18.56 -30.37
N ALA D 10 2.43 17.36 -30.33
CA ALA D 10 3.63 17.02 -31.07
C ALA D 10 3.56 15.56 -31.46
N THR D 11 4.30 15.21 -32.51
CA THR D 11 4.45 13.81 -32.89
C THR D 11 5.93 13.51 -33.07
N GLY D 12 6.25 12.22 -32.95
CA GLY D 12 7.61 11.78 -33.17
C GLY D 12 7.82 10.38 -32.62
N LYS D 13 9.06 9.90 -32.77
CA LYS D 13 9.46 8.61 -32.25
C LYS D 13 10.33 8.79 -31.01
N THR D 14 10.54 7.67 -30.32
CA THR D 14 11.45 7.69 -29.20
C THR D 14 12.89 7.66 -29.68
N PHE D 15 13.79 7.88 -28.73
CA PHE D 15 15.23 7.79 -28.95
C PHE D 15 15.86 7.21 -27.69
N ARG D 16 17.05 6.65 -27.84
CA ARG D 16 17.76 6.06 -26.71
C ARG D 16 18.73 7.08 -26.14
N SER D 17 18.79 7.14 -24.82
CA SER D 17 19.66 8.06 -24.09
C SER D 17 20.35 7.23 -23.02
N GLY D 18 21.64 6.98 -23.19
CA GLY D 18 22.29 6.01 -22.31
C GLY D 18 21.61 4.67 -22.50
N ASN D 19 21.22 4.08 -21.37
CA ASN D 19 20.67 2.73 -21.43
C ASN D 19 19.14 2.68 -21.36
N SER D 20 18.45 3.80 -21.09
CA SER D 20 17.00 3.84 -21.09
C SER D 20 16.45 4.38 -22.41
N GLU D 21 15.14 4.30 -22.56
CA GLU D 21 14.43 4.94 -23.66
C GLU D 21 13.96 6.33 -23.23
N ALA D 22 13.75 7.21 -24.21
CA ALA D 22 13.34 8.55 -23.85
C ALA D 22 12.53 9.18 -24.96
N VAL D 23 11.75 10.19 -24.57
CA VAL D 23 10.98 11.04 -25.46
C VAL D 23 11.47 12.46 -25.26
N ARG D 24 11.76 13.15 -26.37
CA ARG D 24 12.05 14.58 -26.33
C ARG D 24 10.75 15.37 -26.15
N LEU D 25 10.83 16.44 -25.42
CA LEU D 25 9.70 17.35 -25.24
C LEU D 25 10.06 18.69 -25.83
N PRO D 26 9.42 19.12 -26.93
CA PRO D 26 9.60 20.49 -27.41
C PRO D 26 9.16 21.49 -26.35
N ARG D 27 9.47 22.76 -26.61
CA ARG D 27 9.29 23.77 -25.57
C ARG D 27 7.84 23.88 -25.14
N ASP D 28 6.91 23.88 -26.10
CA ASP D 28 5.50 24.06 -25.76
C ASP D 28 4.88 22.80 -25.19
N LEU D 29 5.66 21.71 -25.05
CA LEU D 29 5.25 20.51 -24.32
C LEU D 29 6.01 20.28 -23.03
N ALA D 30 7.05 21.05 -22.75
CA ALA D 30 7.97 20.69 -21.69
C ALA D 30 7.42 21.06 -20.33
N PHE D 31 7.75 20.23 -19.32
CA PHE D 31 7.59 20.67 -17.94
C PHE D 31 8.76 21.58 -17.62
N GLY D 32 8.93 21.95 -16.36
CA GLY D 32 10.13 22.74 -16.10
C GLY D 32 11.45 21.99 -16.04
N ALA D 33 12.47 22.63 -15.47
CA ALA D 33 13.70 21.96 -15.09
C ALA D 33 13.55 21.41 -13.69
N ASP D 34 14.22 20.28 -13.43
CA ASP D 34 14.18 19.63 -12.12
C ASP D 34 12.73 19.49 -11.62
N VAL D 35 11.86 18.94 -12.46
CA VAL D 35 10.46 18.75 -12.09
C VAL D 35 10.19 17.27 -11.95
N GLU D 36 9.79 16.85 -10.76
CA GLU D 36 9.55 15.45 -10.47
C GLU D 36 8.21 15.02 -11.08
N LEU D 37 8.24 13.89 -11.80
CA LEU D 37 7.13 13.47 -12.63
C LEU D 37 6.57 12.16 -12.11
N THR D 38 5.27 11.99 -12.35
CA THR D 38 4.60 10.71 -12.19
C THR D 38 4.22 10.24 -13.58
N LEU D 39 4.48 8.96 -13.86
CA LEU D 39 4.17 8.37 -15.15
C LEU D 39 3.29 7.14 -14.95
N ILE D 40 2.22 7.02 -15.72
CA ILE D 40 1.38 5.83 -15.65
C ILE D 40 1.03 5.40 -17.07
N ARG D 41 1.11 4.09 -17.31
CA ARG D 41 0.88 3.51 -18.62
C ARG D 41 -0.20 2.46 -18.48
N SER D 42 -1.30 2.63 -19.22
CA SER D 42 -2.41 1.67 -19.23
C SER D 42 -2.78 1.36 -20.68
N GLY D 43 -2.43 0.19 -21.15
CA GLY D 43 -2.68 -0.13 -22.55
C GLY D 43 -1.92 0.79 -23.49
N ASP D 44 -2.67 1.50 -24.34
CA ASP D 44 -2.09 2.34 -25.37
C ASP D 44 -1.50 3.63 -24.81
N VAL D 45 -1.92 4.03 -23.62
CA VAL D 45 -1.78 5.42 -23.20
C VAL D 45 -0.70 5.52 -22.13
N LEU D 46 0.25 6.44 -22.32
CA LEU D 46 1.17 6.89 -21.28
C LEU D 46 0.77 8.31 -20.86
N THR D 47 0.51 8.49 -19.58
CA THR D 47 0.24 9.80 -19.01
C THR D 47 1.37 10.22 -18.07
N ILE D 48 1.84 11.45 -18.24
CA ILE D 48 2.95 12.01 -17.46
C ILE D 48 2.51 13.36 -16.90
N TYR D 49 2.69 13.54 -15.60
CA TYR D 49 2.26 14.79 -15.00
C TYR D 49 3.07 15.03 -13.75
N PRO D 50 3.22 16.28 -13.32
CA PRO D 50 4.01 16.57 -12.12
C PRO D 50 3.45 15.87 -10.88
N SER D 51 4.33 15.39 -10.04
CA SER D 51 3.94 14.78 -8.80
C SER D 51 3.53 15.81 -7.81
N LYS D 52 2.54 15.51 -6.99
CA LYS D 52 2.12 16.46 -5.99
C LYS D 52 2.48 15.94 -4.63
N GLY D 53 3.41 16.61 -3.97
CA GLY D 53 3.83 16.21 -2.66
C GLY D 53 3.85 17.29 -1.65
N SER D 54 3.32 18.44 -2.00
CA SER D 54 3.28 19.57 -1.11
C SER D 54 2.12 19.54 -0.19
N ILE D 55 2.16 20.34 0.86
CA ILE D 55 1.00 20.43 1.76
C ILE D 55 -0.15 21.13 1.07
N ALA D 56 0.14 22.08 0.18
CA ALA D 56 -0.95 22.64 -0.61
C ALA D 56 -1.68 21.54 -1.35
N ASP D 57 -0.95 20.59 -1.93
CA ASP D 57 -1.58 19.49 -2.63
C ASP D 57 -2.35 18.58 -1.69
N LEU D 58 -1.72 18.17 -0.59
CA LEU D 58 -2.40 17.34 0.40
C LEU D 58 -3.70 18.00 0.85
N VAL D 59 -3.62 19.24 1.31
CA VAL D 59 -4.80 19.96 1.79
C VAL D 59 -5.84 20.08 0.69
N ALA D 60 -5.42 20.25 -0.55
CA ALA D 60 -6.39 20.37 -1.61
C ALA D 60 -7.08 19.03 -1.87
N THR D 61 -6.32 17.94 -1.81
CA THR D 61 -6.91 16.61 -1.91
C THR D 61 -7.85 16.34 -0.72
N LEU D 62 -7.45 16.76 0.49
CA LEU D 62 -8.31 16.55 1.64
C LEU D 62 -9.64 17.28 1.48
N ASN D 63 -9.58 18.58 1.14
CA ASN D 63 -10.77 19.43 1.09
C ASN D 63 -11.79 18.99 0.05
N GLN D 64 -11.39 18.25 -0.96
CA GLN D 64 -12.36 17.78 -1.95
C GLN D 64 -13.02 16.46 -1.55
N MSE D 65 -12.62 15.90 -0.40
CA MSE D 65 -13.21 14.68 0.13
C MSE D 65 -14.21 15.03 1.21
O MSE D 65 -14.11 16.09 1.81
CB MSE D 65 -12.13 13.76 0.70
CG MSE D 65 -11.17 13.24 -0.32
SE MSE D 65 -9.49 12.63 0.47
CE MSE D 65 -10.02 10.80 0.98
N PRO D 66 -15.19 14.16 1.45
CA PRO D 66 -16.06 14.38 2.60
C PRO D 66 -15.24 14.39 3.88
N ARG D 67 -15.74 15.07 4.86
CA ARG D 67 -15.35 15.22 6.26
C ARG D 67 -16.06 14.17 7.12
N PRO D 68 -15.42 13.61 8.14
CA PRO D 68 -16.18 12.82 9.12
C PRO D 68 -17.05 13.75 9.98
N ASP D 69 -18.08 13.16 10.60
CA ASP D 69 -19.11 13.95 11.26
C ASP D 69 -18.56 14.78 12.41
N SER D 70 -17.52 14.30 13.09
CA SER D 70 -16.90 15.04 14.18
C SER D 70 -15.42 14.76 14.17
N VAL D 71 -14.71 15.42 15.09
CA VAL D 71 -13.26 15.29 15.24
C VAL D 71 -12.98 14.45 16.49
N GLU D 72 -11.98 13.58 16.38
CA GLU D 72 -11.74 12.57 17.41
C GLU D 72 -11.19 13.19 18.69
N ILE D 73 -11.77 12.81 19.83
CA ILE D 73 -11.15 13.10 21.13
C ILE D 73 -9.99 12.16 21.30
N ARG D 74 -8.76 12.69 21.29
CA ARG D 74 -7.59 11.84 21.43
C ARG D 74 -7.63 11.07 22.75
N ASP D 75 -7.38 9.77 22.66
CA ASP D 75 -7.19 8.94 23.85
C ASP D 75 -5.84 9.25 24.49
N GLU D 76 -5.83 9.47 25.79
CA GLU D 76 -4.60 9.64 26.53
C GLU D 76 -4.40 8.46 27.48
N ASP D 77 -3.35 8.55 28.29
CA ASP D 77 -3.06 7.54 29.31
C ASP D 77 -2.71 6.18 28.71
N LEU D 78 -2.02 6.19 27.56
CA LEU D 78 -1.86 4.93 26.82
C LEU D 78 -1.00 3.92 27.57
N PHE D 79 -0.17 4.39 28.51
CA PHE D 79 0.84 3.53 29.13
C PHE D 79 0.33 2.92 30.42
N PRO D 80 0.54 1.63 30.61
CA PRO D 80 0.13 0.97 31.85
C PRO D 80 1.23 1.07 32.90
N GLU D 81 0.81 0.86 34.15
CA GLU D 81 1.78 0.68 35.22
C GLU D 81 2.42 -0.69 35.07
N ARG D 82 3.74 -0.75 35.11
CA ARG D 82 4.33 -2.07 35.20
C ARG D 82 4.87 -2.29 36.61
N PRO D 83 4.61 -3.44 37.22
CA PRO D 83 5.16 -3.70 38.56
C PRO D 83 6.68 -3.73 38.51
N GLY D 84 7.31 -2.83 39.25
CA GLY D 84 8.73 -2.64 39.12
C GLY D 84 9.04 -1.40 38.31
N LEU D 85 10.18 -0.79 38.59
CA LEU D 85 10.53 0.54 38.10
C LEU D 85 10.62 0.59 36.57
N HIS E 6 18.27 3.57 8.18
CA HIS E 6 18.37 2.14 8.52
C HIS E 6 17.04 1.45 8.92
N HIS E 7 15.91 1.88 8.36
CA HIS E 7 14.61 1.27 8.63
C HIS E 7 13.93 1.00 7.29
N ALA E 8 14.19 -0.17 6.72
CA ALA E 8 13.68 -0.49 5.39
C ALA E 8 13.43 -1.99 5.26
N ARG E 9 12.69 -2.34 4.22
CA ARG E 9 12.41 -3.71 3.83
C ARG E 9 12.96 -3.94 2.43
N ALA E 10 13.11 -5.20 2.09
CA ALA E 10 13.54 -5.56 0.73
C ALA E 10 13.21 -7.03 0.51
N THR E 11 13.14 -7.41 -0.76
CA THR E 11 13.07 -8.81 -1.12
C THR E 11 14.36 -9.18 -1.85
N GLY E 12 14.73 -10.47 -1.76
CA GLY E 12 15.93 -10.95 -2.43
C GLY E 12 15.93 -12.47 -2.50
N LYS E 13 16.84 -12.99 -3.31
CA LYS E 13 17.04 -14.43 -3.45
C LYS E 13 18.41 -14.81 -2.91
N THR E 14 18.53 -16.05 -2.43
CA THR E 14 19.84 -16.57 -2.08
C THR E 14 20.66 -16.73 -3.35
N PHE E 15 21.98 -16.69 -3.19
CA PHE E 15 22.80 -16.92 -4.36
C PHE E 15 24.08 -17.60 -3.91
N ARG E 16 24.78 -18.16 -4.89
CA ARG E 16 26.06 -18.80 -4.66
C ARG E 16 27.17 -17.78 -4.88
N SER E 17 28.04 -17.64 -3.87
CA SER E 17 29.32 -16.92 -3.99
C SER E 17 30.41 -17.91 -3.62
N GLY E 18 30.90 -18.64 -4.61
CA GLY E 18 32.04 -19.52 -4.46
C GLY E 18 31.90 -20.56 -3.38
N ASN E 19 31.06 -21.57 -3.62
CA ASN E 19 30.93 -22.73 -2.75
C ASN E 19 30.24 -22.44 -1.42
N SER E 20 29.67 -21.25 -1.25
CA SER E 20 28.90 -20.94 -0.05
C SER E 20 27.74 -20.02 -0.40
N GLU E 21 26.60 -20.26 0.23
CA GLU E 21 25.44 -19.41 0.03
C GLU E 21 25.67 -18.03 0.63
N ALA E 22 25.12 -17.01 -0.03
CA ALA E 22 25.16 -15.65 0.49
C ALA E 22 23.85 -14.95 0.13
N VAL E 23 23.57 -13.86 0.85
CA VAL E 23 22.41 -13.01 0.61
C VAL E 23 22.88 -11.57 0.52
N ARG E 24 22.47 -10.88 -0.54
CA ARG E 24 22.87 -9.48 -0.69
C ARG E 24 22.17 -8.60 0.33
N LEU E 25 22.86 -7.56 0.78
CA LEU E 25 22.20 -6.55 1.60
C LEU E 25 22.11 -5.24 0.83
N PRO E 26 20.92 -4.88 0.31
CA PRO E 26 20.73 -3.57 -0.33
C PRO E 26 21.27 -2.42 0.50
N ARG E 27 21.54 -1.29 -0.15
CA ARG E 27 22.27 -0.22 0.51
C ARG E 27 21.56 0.28 1.76
N ASP E 28 20.23 0.35 1.73
CA ASP E 28 19.49 0.81 2.91
C ASP E 28 19.50 -0.20 4.05
N LEU E 29 19.82 -1.47 3.78
CA LEU E 29 19.83 -2.48 4.82
C LEU E 29 21.23 -2.93 5.17
N ALA E 30 22.23 -2.46 4.43
CA ALA E 30 23.59 -2.88 4.65
C ALA E 30 24.13 -2.38 6.00
N PHE E 31 25.05 -3.16 6.59
CA PHE E 31 25.83 -2.71 7.73
C PHE E 31 27.13 -2.08 7.23
N GLY E 32 28.07 -1.85 8.12
CA GLY E 32 29.36 -1.41 7.69
C GLY E 32 30.13 -2.47 6.90
N ALA E 33 31.37 -2.12 6.57
CA ALA E 33 32.24 -3.09 5.94
C ALA E 33 33.13 -3.82 6.94
N ASP E 34 33.38 -3.19 8.09
CA ASP E 34 34.27 -3.75 9.10
C ASP E 34 33.50 -3.95 10.39
N VAL E 35 32.32 -4.55 10.26
CA VAL E 35 31.37 -4.69 11.36
C VAL E 35 31.15 -6.17 11.58
N GLU E 36 31.48 -6.64 12.79
CA GLU E 36 31.28 -8.04 13.18
C GLU E 36 29.81 -8.28 13.46
N LEU E 37 29.22 -9.27 12.78
CA LEU E 37 27.81 -9.61 12.95
C LEU E 37 27.65 -10.98 13.61
N THR E 38 26.62 -11.10 14.42
CA THR E 38 26.14 -12.37 14.94
C THR E 38 24.94 -12.80 14.11
N LEU E 39 24.86 -14.09 13.77
CA LEU E 39 23.76 -14.62 12.97
C LEU E 39 23.19 -15.83 13.66
N ILE E 40 21.89 -15.80 13.91
CA ILE E 40 21.22 -16.87 14.63
C ILE E 40 20.00 -17.29 13.84
N ARG E 41 19.93 -18.57 13.49
CA ARG E 41 18.74 -19.10 12.82
C ARG E 41 17.89 -19.82 13.85
N SER E 42 16.59 -19.55 13.82
CA SER E 42 15.62 -20.31 14.62
C SER E 42 14.48 -20.68 13.68
N GLY E 43 14.51 -21.91 13.19
CA GLY E 43 13.63 -22.36 12.14
C GLY E 43 14.12 -21.84 10.81
N ASP E 44 13.32 -20.99 10.16
CA ASP E 44 13.77 -20.34 8.93
C ASP E 44 13.93 -18.84 9.11
N VAL E 45 14.06 -18.36 10.34
CA VAL E 45 14.07 -16.94 10.67
C VAL E 45 15.47 -16.58 11.14
N LEU E 46 16.25 -16.02 10.22
CA LEU E 46 17.59 -15.57 10.50
C LEU E 46 17.57 -14.20 11.17
N THR E 47 18.28 -14.06 12.28
CA THR E 47 18.40 -12.79 12.99
C THR E 47 19.86 -12.38 13.01
N ILE E 48 20.15 -11.21 12.45
CA ILE E 48 21.51 -10.71 12.29
C ILE E 48 21.61 -9.36 13.01
N TYR E 49 22.69 -9.15 13.74
CA TYR E 49 22.90 -7.88 14.41
C TYR E 49 24.37 -7.77 14.77
N PRO E 50 24.87 -6.54 14.94
CA PRO E 50 26.26 -6.36 15.37
C PRO E 50 26.52 -7.03 16.71
N SER E 51 27.66 -7.71 16.81
CA SER E 51 27.90 -8.60 17.95
C SER E 51 27.88 -7.83 19.25
N LYS E 52 27.33 -8.48 20.29
CA LYS E 52 26.97 -7.81 21.54
C LYS E 52 27.58 -8.43 22.79
N GLY E 53 27.78 -9.73 22.83
CA GLY E 53 28.18 -10.24 24.12
C GLY E 53 27.10 -11.13 24.72
N SER E 54 27.53 -12.12 25.47
CA SER E 54 26.69 -13.26 25.79
C SER E 54 25.61 -12.91 26.80
N ILE E 55 24.60 -13.79 26.84
CA ILE E 55 23.52 -13.70 27.81
C ILE E 55 24.03 -13.98 29.21
N ALA E 56 24.85 -15.01 29.36
CA ALA E 56 25.39 -15.35 30.68
C ALA E 56 26.17 -14.17 31.26
N ASP E 57 27.01 -13.53 30.44
CA ASP E 57 27.76 -12.38 30.94
C ASP E 57 26.82 -11.26 31.39
N LEU E 58 25.64 -11.15 30.78
CA LEU E 58 24.66 -10.18 31.26
C LEU E 58 24.10 -10.61 32.60
N VAL E 59 23.74 -11.88 32.74
CA VAL E 59 23.22 -12.39 34.00
C VAL E 59 24.32 -12.38 35.06
N ALA E 60 25.51 -12.85 34.69
CA ALA E 60 26.67 -12.77 35.58
C ALA E 60 26.88 -11.34 36.04
N THR E 61 26.92 -10.39 35.10
CA THR E 61 27.21 -9.01 35.47
C THR E 61 26.12 -8.44 36.37
N LEU E 62 24.86 -8.79 36.11
CA LEU E 62 23.77 -8.21 36.89
C LEU E 62 23.81 -8.71 38.33
N ASN E 63 24.00 -10.02 38.53
CA ASN E 63 24.01 -10.55 39.89
C ASN E 63 25.25 -10.13 40.68
N GLN E 64 26.34 -9.74 40.01
CA GLN E 64 27.50 -9.19 40.69
C GLN E 64 27.34 -7.71 41.03
N MSE E 65 26.32 -7.04 40.49
CA MSE E 65 25.94 -5.70 40.92
C MSE E 65 24.86 -5.77 41.99
O MSE E 65 24.17 -6.79 42.10
CB MSE E 65 25.46 -4.87 39.73
CG MSE E 65 26.48 -4.65 38.63
SE MSE E 65 25.59 -3.99 37.01
CE MSE E 65 24.68 -2.53 37.87
N PRO E 66 24.70 -4.71 42.77
CA PRO E 66 23.58 -4.65 43.72
C PRO E 66 22.25 -4.49 43.00
N ARG E 67 21.24 -5.21 43.49
CA ARG E 67 19.86 -4.90 43.11
C ARG E 67 19.35 -3.74 43.95
N PRO E 68 18.41 -2.95 43.45
CA PRO E 68 17.79 -1.91 44.29
C PRO E 68 16.66 -2.45 45.16
N ASP E 69 15.89 -1.54 45.78
CA ASP E 69 14.87 -1.80 46.83
C ASP E 69 15.55 -2.01 48.19
N ALA F 2 14.09 -16.26 17.05
CA ALA F 2 14.23 -15.00 17.77
C ALA F 2 13.11 -14.80 18.79
N TYR F 3 13.45 -14.21 19.94
CA TYR F 3 12.52 -13.96 21.03
C TYR F 3 12.46 -12.46 21.31
N VAL F 4 11.27 -11.97 21.64
CA VAL F 4 11.09 -10.59 22.06
C VAL F 4 10.49 -10.60 23.46
N LEU F 5 11.17 -9.97 24.41
CA LEU F 5 10.73 -9.95 25.79
C LEU F 5 9.72 -8.83 25.99
N ASP F 6 8.58 -9.18 26.57
CA ASP F 6 7.64 -8.20 27.14
C ASP F 6 8.40 -7.17 27.98
N THR F 7 7.81 -6.01 28.21
CA THR F 7 8.43 -5.07 29.15
C THR F 7 8.51 -5.70 30.54
N ASN F 8 7.48 -6.43 30.96
CA ASN F 8 7.50 -6.99 32.30
C ASN F 8 8.57 -8.05 32.46
N VAL F 9 8.72 -8.94 31.46
CA VAL F 9 9.78 -9.93 31.52
C VAL F 9 11.13 -9.25 31.57
N ALA F 10 11.32 -8.20 30.77
CA ALA F 10 12.59 -7.48 30.82
C ALA F 10 12.82 -6.86 32.19
N ILE F 11 11.76 -6.37 32.83
CA ILE F 11 11.89 -5.75 34.15
C ILE F 11 12.35 -6.78 35.17
N HIS F 12 11.89 -8.01 35.01
CA HIS F 12 12.36 -9.07 35.91
C HIS F 12 13.81 -9.43 35.61
N LEU F 13 14.24 -9.35 34.34
CA LEU F 13 15.62 -9.67 34.00
C LEU F 13 16.60 -8.63 34.55
N ARG F 14 16.28 -7.34 34.44
CA ARG F 14 17.16 -6.35 35.03
C ARG F 14 17.12 -6.39 36.55
N ASP F 15 16.07 -6.96 37.14
CA ASP F 15 15.99 -7.17 38.58
C ASP F 15 16.65 -8.47 39.02
N GLY F 16 17.33 -9.18 38.11
CA GLY F 16 17.99 -10.43 38.43
C GLY F 16 17.10 -11.47 39.07
N ASP F 17 15.79 -11.35 38.83
CA ASP F 17 14.78 -12.27 39.33
C ASP F 17 15.17 -13.71 38.99
N PRO F 18 15.41 -14.57 39.98
CA PRO F 18 15.95 -15.91 39.68
C PRO F 18 15.05 -16.72 38.78
N GLU F 19 13.73 -16.55 38.95
CA GLU F 19 12.77 -17.34 38.19
C GLU F 19 12.89 -17.06 36.70
N VAL F 20 12.99 -15.79 36.31
CA VAL F 20 13.06 -15.41 34.89
C VAL F 20 14.46 -15.65 34.33
N THR F 21 15.50 -15.29 35.09
CA THR F 21 16.87 -15.31 34.56
C THR F 21 17.27 -16.71 34.12
N THR F 22 16.80 -17.75 34.81
CA THR F 22 17.16 -19.10 34.39
C THR F 22 16.42 -19.46 33.11
N ARG F 23 15.15 -19.10 33.01
CA ARG F 23 14.39 -19.37 31.79
C ARG F 23 14.93 -18.58 30.60
N VAL F 24 15.57 -17.42 30.84
CA VAL F 24 16.18 -16.69 29.73
C VAL F 24 17.42 -17.40 29.21
N THR F 25 18.31 -17.82 30.11
CA THR F 25 19.54 -18.51 29.68
C THR F 25 19.24 -19.86 29.02
N ALA F 26 18.10 -20.48 29.33
CA ALA F 26 17.71 -21.72 28.67
C ALA F 26 17.31 -21.52 27.22
N LEU F 27 16.94 -20.30 26.84
CA LEU F 27 16.39 -20.01 25.52
C LEU F 27 17.50 -20.01 24.48
N ASN F 28 17.39 -20.88 23.50
CA ASN F 28 18.30 -20.88 22.36
C ASN F 28 17.68 -20.03 21.26
N GLY F 29 18.38 -18.99 20.84
CA GLY F 29 17.89 -18.07 19.84
C GLY F 29 18.18 -16.64 20.24
N ALA F 30 18.21 -15.76 19.24
CA ALA F 30 18.42 -14.34 19.50
C ALA F 30 17.37 -13.83 20.48
N ILE F 31 17.77 -12.89 21.34
CA ILE F 31 16.90 -12.35 22.40
C ILE F 31 16.79 -10.85 22.21
N LEU F 32 15.66 -10.39 21.69
CA LEU F 32 15.50 -9.02 21.22
C LEU F 32 14.65 -8.18 22.17
N LEU F 33 14.76 -6.85 22.03
CA LEU F 33 14.09 -5.93 22.94
C LEU F 33 13.46 -4.78 22.16
N SER F 34 12.16 -4.56 22.34
CA SER F 34 11.51 -3.45 21.66
C SER F 34 11.97 -2.11 22.22
N ILE F 35 12.13 -1.13 21.33
CA ILE F 35 12.52 0.19 21.79
C ILE F 35 11.39 0.85 22.58
N ILE F 36 10.15 0.43 22.37
CA ILE F 36 9.09 0.86 23.28
C ILE F 36 9.41 0.40 24.70
N SER F 37 9.83 -0.84 24.85
CA SER F 37 10.19 -1.31 26.18
C SER F 37 11.37 -0.51 26.72
N ARG F 38 12.34 -0.17 25.85
CA ARG F 38 13.47 0.62 26.32
C ARG F 38 13.01 1.97 26.87
N VAL F 39 12.08 2.63 26.17
CA VAL F 39 11.52 3.89 26.67
C VAL F 39 10.85 3.68 28.04
N GLU F 40 10.17 2.55 28.24
CA GLU F 40 9.57 2.33 29.55
C GLU F 40 10.65 2.15 30.61
N LEU F 41 11.62 1.27 30.33
CA LEU F 41 12.78 1.10 31.21
C LEU F 41 13.47 2.44 31.50
N GLU F 42 13.64 3.29 30.48
CA GLU F 42 14.37 4.54 30.64
C GLU F 42 13.66 5.46 31.64
N GLY F 43 12.32 5.42 31.67
CA GLY F 43 11.58 6.22 32.64
C GLY F 43 11.67 5.66 34.04
N GLY F 44 11.70 4.33 34.19
CA GLY F 44 11.82 3.73 35.50
C GLY F 44 13.12 4.07 36.20
N VAL F 45 14.14 4.48 35.46
CA VAL F 45 15.39 4.80 36.11
C VAL F 45 15.23 6.02 36.99
N TYR F 46 14.33 6.93 36.63
CA TYR F 46 14.15 8.19 37.34
C TYR F 46 12.80 8.24 38.06
N ARG F 47 12.19 7.10 38.32
CA ARG F 47 10.94 7.11 39.07
C ARG F 47 11.16 7.60 40.50
N GLU F 48 12.25 7.17 41.14
CA GLU F 48 12.56 7.59 42.50
C GLU F 48 13.86 8.39 42.54
N ALA F 49 13.98 9.22 43.58
CA ALA F 49 15.20 9.98 43.78
C ALA F 49 16.38 9.07 44.11
N ALA F 50 16.12 8.02 44.90
CA ALA F 50 17.16 7.21 45.52
C ALA F 50 18.17 6.62 44.54
N GLN F 51 18.00 5.35 44.18
CA GLN F 51 19.10 4.56 43.62
C GLN F 51 19.13 4.56 42.10
N ALA F 52 18.64 5.63 41.47
CA ALA F 52 18.93 5.86 40.06
C ALA F 52 20.43 5.75 39.86
N GLY F 53 20.88 5.48 38.64
CA GLY F 53 22.31 5.37 38.46
C GLY F 53 22.81 3.98 38.79
N LEU F 54 22.18 3.38 39.80
CA LEU F 54 22.25 1.93 39.97
C LEU F 54 21.21 1.23 39.11
N ARG F 55 19.97 1.74 39.09
CA ARG F 55 19.04 1.33 38.04
C ARG F 55 19.58 1.65 36.67
N ARG F 56 20.29 2.78 36.55
CA ARG F 56 20.88 3.16 35.28
C ARG F 56 22.03 2.23 34.91
N SER F 57 22.79 1.82 35.93
CA SER F 57 23.91 0.92 35.70
C SER F 57 23.43 -0.46 35.25
N ARG F 58 22.32 -0.93 35.84
CA ARG F 58 21.76 -2.22 35.46
C ARG F 58 21.16 -2.18 34.06
N LEU F 59 20.41 -1.12 33.74
CA LEU F 59 19.84 -0.99 32.41
C LEU F 59 20.92 -0.90 31.33
N ASP F 60 22.07 -0.29 31.63
CA ASP F 60 23.06 -0.11 30.58
C ASP F 60 23.66 -1.44 30.15
N VAL F 61 23.85 -2.36 31.10
CA VAL F 61 24.42 -3.66 30.74
C VAL F 61 23.39 -4.49 30.00
N MSE F 62 22.12 -4.21 30.23
CA MSE F 62 21.08 -4.90 29.50
C MSE F 62 21.01 -4.44 28.05
O MSE F 62 20.74 -5.23 27.14
CB MSE F 62 19.75 -4.67 30.19
CG MSE F 62 18.75 -5.66 29.77
SE MSE F 62 17.55 -5.85 31.21
CE MSE F 62 16.22 -6.94 30.33
N LEU F 63 21.25 -3.14 27.86
CA LEU F 63 21.26 -2.60 26.51
C LEU F 63 22.51 -3.03 25.74
N LYS F 64 23.60 -3.31 26.45
CA LYS F 64 24.81 -3.73 25.76
C LYS F 64 24.69 -5.15 25.24
N VAL F 65 23.75 -5.94 25.77
CA VAL F 65 23.59 -7.33 25.39
C VAL F 65 22.31 -7.58 24.59
N LEU F 66 21.25 -6.79 24.80
CA LEU F 66 19.98 -7.07 24.17
C LEU F 66 19.79 -6.12 22.99
N PRO F 67 19.86 -6.58 21.74
CA PRO F 67 19.68 -5.66 20.62
C PRO F 67 18.27 -5.09 20.62
N VAL F 68 18.14 -3.83 20.19
CA VAL F 68 16.86 -3.12 20.25
C VAL F 68 16.27 -2.98 18.86
N LEU F 69 15.03 -3.43 18.71
CA LEU F 69 14.24 -3.21 17.50
C LEU F 69 13.65 -1.79 17.47
N ASP F 70 13.95 -1.01 16.45
CA ASP F 70 13.29 0.29 16.34
C ASP F 70 11.80 0.12 16.01
N PHE F 71 10.99 1.11 16.37
CA PHE F 71 9.59 1.14 15.94
C PHE F 71 9.48 1.96 14.67
N ASP F 72 9.19 1.31 13.55
CA ASP F 72 9.25 1.91 12.24
C ASP F 72 7.97 1.57 11.45
N GLY F 73 7.94 2.05 10.20
CA GLY F 73 6.82 1.80 9.31
C GLY F 73 6.32 0.37 9.29
N ALA F 74 7.24 -0.60 9.20
CA ALA F 74 6.79 -1.99 9.18
C ALA F 74 6.02 -2.37 10.45
N ALA F 75 6.54 -2.02 11.63
CA ALA F 75 5.80 -2.31 12.86
C ALA F 75 4.47 -1.56 12.90
N ALA F 76 4.44 -0.30 12.46
CA ALA F 76 3.16 0.42 12.42
C ALA F 76 2.19 -0.17 11.39
N ASP F 77 2.67 -0.84 10.35
CA ASP F 77 1.76 -1.62 9.52
C ASP F 77 1.18 -2.78 10.30
N GLU F 78 2.01 -3.46 11.10
CA GLU F 78 1.53 -4.59 11.86
C GLU F 78 0.51 -4.13 12.88
N TYR F 79 0.74 -2.97 13.49
CA TYR F 79 -0.20 -2.46 14.47
C TYR F 79 -1.55 -2.21 13.82
N ARG F 80 -1.54 -1.60 12.62
CA ARG F 80 -2.80 -1.31 11.96
C ARG F 80 -3.56 -2.59 11.68
N ARG F 81 -2.87 -3.62 11.19
CA ARG F 81 -3.49 -4.91 10.96
C ARG F 81 -4.05 -5.51 12.25
N ILE F 82 -3.45 -5.22 13.41
CA ILE F 82 -4.01 -5.76 14.65
C ILE F 82 -5.31 -5.07 14.97
N VAL F 83 -5.35 -3.74 14.83
CA VAL F 83 -6.59 -3.01 15.08
C VAL F 83 -7.68 -3.42 14.09
N GLU F 84 -7.30 -3.83 12.88
CA GLU F 84 -8.32 -4.19 11.89
C GLU F 84 -9.01 -5.51 12.24
N SER F 85 -8.24 -6.50 12.77
CA SER F 85 -8.82 -7.80 13.10
C SER F 85 -9.49 -7.76 14.47
N ALA F 86 -8.80 -7.23 15.47
CA ALA F 86 -9.22 -7.34 16.85
C ALA F 86 -9.98 -6.13 17.35
N GLY F 87 -10.11 -5.10 16.54
CA GLY F 87 -10.74 -3.88 17.00
C GLY F 87 -9.78 -3.04 17.83
N TYR F 88 -10.12 -1.77 17.95
CA TYR F 88 -9.25 -0.87 18.67
C TYR F 88 -9.40 -1.06 20.17
N SER F 89 -8.29 -1.10 20.89
CA SER F 89 -8.30 -1.15 22.36
C SER F 89 -7.31 -0.14 22.92
N ARG F 90 -7.82 0.91 23.56
CA ARG F 90 -6.97 1.98 24.10
C ARG F 90 -5.98 1.43 25.13
N ARG F 91 -6.43 0.53 25.99
CA ARG F 91 -5.56 0.00 27.03
C ARG F 91 -4.45 -0.87 26.44
N LYS F 92 -4.66 -1.47 25.27
CA LYS F 92 -3.67 -2.39 24.71
C LYS F 92 -2.81 -1.75 23.59
N VAL F 93 -2.84 -0.41 23.43
CA VAL F 93 -2.03 0.22 22.39
C VAL F 93 -0.56 -0.11 22.57
N VAL F 94 0.00 0.18 23.76
CA VAL F 94 1.44 0.03 23.94
C VAL F 94 1.86 -1.42 23.71
N ASP F 95 1.20 -2.37 24.40
CA ASP F 95 1.54 -3.78 24.22
C ASP F 95 1.34 -4.23 22.77
N ARG F 96 0.41 -3.61 22.05
CA ARG F 96 0.26 -3.99 20.65
C ARG F 96 1.37 -3.43 19.77
N MSE F 97 1.96 -2.30 20.16
CA MSE F 97 3.10 -1.82 19.40
C MSE F 97 4.26 -2.79 19.51
O MSE F 97 4.92 -3.12 18.52
CB MSE F 97 3.50 -0.45 19.91
CG MSE F 97 2.61 0.66 19.42
SE MSE F 97 3.22 2.34 20.10
CE MSE F 97 4.57 2.63 18.83
N ILE F 98 4.50 -3.26 20.74
CA ILE F 98 5.60 -4.17 21.01
C ILE F 98 5.41 -5.47 20.26
N ALA F 99 4.22 -6.06 20.36
CA ALA F 99 3.93 -7.29 19.64
C ALA F 99 4.05 -7.09 18.12
N ALA F 100 3.64 -5.90 17.63
CA ALA F 100 3.76 -5.63 16.20
C ALA F 100 5.17 -5.82 15.71
N GLN F 101 6.16 -5.42 16.53
CA GLN F 101 7.55 -5.58 16.12
C GLN F 101 7.91 -7.05 16.08
N ALA F 102 7.54 -7.82 17.11
CA ALA F 102 7.72 -9.26 17.08
C ALA F 102 7.09 -9.87 15.83
N LEU F 103 5.88 -9.43 15.45
CA LEU F 103 5.33 -9.88 14.18
C LEU F 103 6.24 -9.51 13.02
N ALA F 104 6.71 -8.25 12.99
CA ALA F 104 7.47 -7.76 11.83
C ALA F 104 8.75 -8.56 11.62
N HIS F 105 9.34 -9.06 12.69
CA HIS F 105 10.58 -9.80 12.63
C HIS F 105 10.39 -11.28 12.88
N ARG F 106 9.15 -11.77 12.88
CA ARG F 106 8.88 -13.20 12.91
C ARG F 106 9.49 -13.86 14.16
N ALA F 107 9.30 -13.19 15.30
CA ALA F 107 9.89 -13.59 16.58
C ALA F 107 8.79 -13.99 17.55
N THR F 108 9.08 -15.02 18.35
CA THR F 108 8.17 -15.43 19.42
C THR F 108 8.15 -14.38 20.53
N PHE F 109 6.94 -14.02 20.97
CA PHE F 109 6.76 -12.99 21.97
C PHE F 109 6.65 -13.66 23.35
N VAL F 110 7.53 -13.26 24.28
CA VAL F 110 7.68 -13.88 25.60
C VAL F 110 7.10 -12.94 26.66
N THR F 111 6.13 -13.43 27.43
CA THR F 111 5.31 -12.56 28.26
C THR F 111 4.76 -13.31 29.46
N PHE F 112 4.49 -12.56 30.54
CA PHE F 112 3.76 -13.10 31.68
C PHE F 112 2.26 -13.01 31.50
N ASN F 113 1.79 -12.55 30.36
CA ASN F 113 0.42 -12.08 30.22
C ASN F 113 -0.17 -12.46 28.87
N ALA F 114 0.02 -13.73 28.49
CA ALA F 114 -0.30 -14.18 27.14
C ALA F 114 -1.76 -13.93 26.77
N ASP F 115 -2.67 -13.88 27.74
CA ASP F 115 -4.08 -13.74 27.37
C ASP F 115 -4.37 -12.40 26.71
N ASP F 116 -3.55 -11.38 26.98
CA ASP F 116 -3.72 -10.06 26.39
C ASP F 116 -3.28 -9.98 24.94
N PHE F 117 -2.66 -11.03 24.42
CA PHE F 117 -2.12 -11.04 23.08
C PHE F 117 -2.73 -12.14 22.21
N ARG F 118 -3.68 -12.90 22.72
CA ARG F 118 -4.16 -13.99 21.92
C ARG F 118 -5.11 -13.53 20.82
N ASP F 119 -5.42 -12.24 20.76
CA ASP F 119 -6.20 -11.64 19.69
C ASP F 119 -5.35 -11.07 18.55
N ILE F 120 -4.03 -11.12 18.66
CA ILE F 120 -3.11 -10.69 17.61
C ILE F 120 -2.86 -11.87 16.68
N PRO F 121 -3.48 -11.94 15.51
CA PRO F 121 -3.27 -13.12 14.64
C PRO F 121 -1.82 -13.25 14.21
N GLY F 122 -1.29 -14.48 14.28
CA GLY F 122 0.05 -14.81 13.82
C GLY F 122 1.17 -14.58 14.82
N LEU F 123 0.86 -14.24 16.06
CA LEU F 123 1.87 -13.97 17.08
C LEU F 123 2.24 -15.27 17.75
N SER F 124 3.51 -15.67 17.64
CA SER F 124 4.01 -16.77 18.45
C SER F 124 4.15 -16.30 19.89
N LEU F 125 3.55 -17.03 20.81
CA LEU F 125 3.55 -16.67 22.22
C LEU F 125 4.31 -17.70 23.04
N LEU F 126 4.91 -17.22 24.14
CA LEU F 126 5.56 -18.06 25.15
C LEU F 126 5.13 -17.50 26.50
N ALA F 127 4.23 -18.18 27.18
CA ALA F 127 3.72 -17.71 28.46
C ALA F 127 4.59 -18.23 29.62
N TRP F 128 4.91 -17.33 30.54
CA TRP F 128 5.75 -17.66 31.69
C TRP F 128 5.02 -17.41 33.02
N ALA G 2 12.09 22.28 9.69
CA ALA G 2 11.06 21.27 9.50
C ALA G 2 10.12 21.24 10.70
N TYR G 3 8.86 20.93 10.45
CA TYR G 3 7.86 20.92 11.50
C TYR G 3 7.48 19.48 11.79
N VAL G 4 7.25 19.18 13.07
CA VAL G 4 6.57 17.95 13.48
C VAL G 4 5.21 18.36 14.03
N LEU G 5 4.15 17.76 13.48
CA LEU G 5 2.80 18.01 13.95
C LEU G 5 2.49 17.17 15.18
N ASP G 6 1.97 17.83 16.22
CA ASP G 6 1.38 17.14 17.35
C ASP G 6 0.30 16.18 16.85
N THR G 7 0.03 15.12 17.63
CA THR G 7 -1.00 14.18 17.25
C THR G 7 -2.37 14.84 17.14
N ASN G 8 -2.68 15.79 18.03
CA ASN G 8 -3.98 16.47 17.95
C ASN G 8 -4.09 17.31 16.70
N VAL G 9 -3.04 18.06 16.38
CA VAL G 9 -2.98 18.73 15.09
C VAL G 9 -3.20 17.73 13.95
N ALA G 10 -2.57 16.54 14.04
CA ALA G 10 -2.70 15.59 12.94
C ALA G 10 -4.06 14.90 12.90
N ILE G 11 -4.67 14.69 14.07
CA ILE G 11 -6.03 14.17 14.08
C ILE G 11 -6.97 15.18 13.46
N HIS G 12 -6.78 16.46 13.78
CA HIS G 12 -7.63 17.50 13.25
C HIS G 12 -7.49 17.62 11.74
N LEU G 13 -6.28 17.49 11.22
CA LEU G 13 -6.08 17.49 9.78
C LEU G 13 -6.81 16.30 9.12
N ARG G 14 -6.61 15.10 9.67
CA ARG G 14 -7.31 13.93 9.14
C ARG G 14 -8.83 14.12 9.17
N ASP G 15 -9.35 14.74 10.22
CA ASP G 15 -10.79 14.86 10.35
C ASP G 15 -11.32 16.16 9.76
N GLY G 16 -10.46 16.95 9.11
CA GLY G 16 -10.94 18.08 8.35
C GLY G 16 -11.37 19.28 9.16
N ASP G 17 -10.79 19.49 10.32
CA ASP G 17 -11.04 20.74 11.03
C ASP G 17 -10.51 21.92 10.22
N PRO G 18 -11.32 22.94 9.94
CA PRO G 18 -10.87 24.00 9.04
C PRO G 18 -9.76 24.87 9.61
N GLU G 19 -9.76 25.14 10.92
CA GLU G 19 -8.71 25.97 11.50
C GLU G 19 -7.33 25.34 11.34
N VAL G 20 -7.24 24.03 11.51
CA VAL G 20 -5.96 23.35 11.35
C VAL G 20 -5.52 23.35 9.88
N THR G 21 -6.44 23.09 8.95
CA THR G 21 -6.04 23.01 7.54
C THR G 21 -5.65 24.38 6.99
N THR G 22 -6.26 25.47 7.49
CA THR G 22 -5.84 26.79 7.02
C THR G 22 -4.41 27.08 7.44
N ARG G 23 -4.03 26.70 8.67
CA ARG G 23 -2.76 27.10 9.25
C ARG G 23 -1.61 26.22 8.79
N VAL G 24 -1.90 24.93 8.58
CA VAL G 24 -0.90 23.99 8.11
C VAL G 24 -0.30 24.46 6.79
N THR G 25 -1.15 24.85 5.84
CA THR G 25 -0.68 25.27 4.51
C THR G 25 0.33 26.41 4.59
N ALA G 26 0.17 27.30 5.57
CA ALA G 26 1.07 28.43 5.79
C ALA G 26 2.49 28.05 6.18
N LEU G 27 2.73 26.80 6.56
CA LEU G 27 4.04 26.39 7.08
C LEU G 27 5.00 26.04 5.95
N ASN G 28 6.23 26.53 6.07
CA ASN G 28 7.30 26.32 5.10
C ASN G 28 8.11 25.06 5.39
N GLY G 29 8.82 24.59 4.39
CA GLY G 29 9.61 23.42 4.67
C GLY G 29 8.83 22.15 4.99
N ALA G 30 9.60 21.12 5.32
CA ALA G 30 9.05 19.79 5.54
C ALA G 30 8.03 19.76 6.69
N ILE G 31 6.96 18.99 6.53
CA ILE G 31 6.03 18.69 7.61
C ILE G 31 6.09 17.20 7.87
N LEU G 32 6.33 16.81 9.11
CA LEU G 32 6.58 15.41 9.41
C LEU G 32 5.64 14.95 10.50
N LEU G 33 5.43 13.64 10.57
CA LEU G 33 4.70 13.04 11.67
C LEU G 33 5.64 12.12 12.46
N SER G 34 5.53 12.17 13.79
CA SER G 34 6.09 11.12 14.62
C SER G 34 5.39 9.79 14.35
N ILE G 35 6.16 8.70 14.32
CA ILE G 35 5.52 7.39 14.13
C ILE G 35 4.63 7.04 15.32
N ILE G 36 4.92 7.58 16.50
CA ILE G 36 3.97 7.41 17.59
C ILE G 36 2.63 8.03 17.22
N SER G 37 2.66 9.13 16.44
CA SER G 37 1.42 9.75 16.03
C SER G 37 0.70 8.89 15.00
N ARG G 38 1.46 8.25 14.11
CA ARG G 38 0.85 7.35 13.15
C ARG G 38 0.06 6.27 13.86
N VAL G 39 0.66 5.66 14.89
CA VAL G 39 -0.01 4.59 15.61
C VAL G 39 -1.33 5.09 16.20
N GLU G 40 -1.28 6.24 16.88
CA GLU G 40 -2.52 6.84 17.41
C GLU G 40 -3.52 7.11 16.29
N LEU G 41 -3.03 7.59 15.14
CA LEU G 41 -3.93 7.93 14.05
C LEU G 41 -4.55 6.69 13.44
N GLU G 42 -3.81 5.59 13.40
CA GLU G 42 -4.32 4.37 12.78
C GLU G 42 -5.38 3.72 13.64
N GLY G 43 -5.23 3.81 14.96
CA GLY G 43 -6.25 3.24 15.83
C GLY G 43 -7.56 3.99 15.76
N GLY G 44 -7.51 5.31 15.54
CA GLY G 44 -8.73 6.09 15.48
C GLY G 44 -9.58 5.77 14.26
N VAL G 45 -8.94 5.38 13.16
CA VAL G 45 -9.58 5.07 11.89
C VAL G 45 -10.84 4.24 12.11
N TYR G 46 -10.77 3.23 12.98
CA TYR G 46 -11.80 2.21 13.09
C TYR G 46 -12.66 2.32 14.34
N ARG G 47 -12.30 3.21 15.27
CA ARG G 47 -13.08 3.44 16.48
C ARG G 47 -14.57 3.67 16.23
N GLU G 48 -14.95 4.30 15.12
CA GLU G 48 -16.35 4.63 14.82
C GLU G 48 -16.67 4.10 13.43
N ALA G 49 -17.31 2.92 13.37
CA ALA G 49 -17.39 2.13 12.14
C ALA G 49 -18.08 2.87 10.99
N ALA G 50 -19.01 3.77 11.30
CA ALA G 50 -19.71 4.51 10.26
C ALA G 50 -18.80 5.50 9.53
N GLN G 51 -17.64 5.85 10.11
CA GLN G 51 -16.70 6.78 9.48
C GLN G 51 -15.38 6.12 9.11
N ALA G 52 -15.26 4.80 9.30
CA ALA G 52 -13.99 4.12 9.04
C ALA G 52 -13.47 4.36 7.63
N GLY G 53 -14.27 4.03 6.63
CA GLY G 53 -13.85 4.21 5.25
C GLY G 53 -13.37 5.62 4.96
N LEU G 54 -14.15 6.61 5.36
CA LEU G 54 -13.77 7.98 5.10
C LEU G 54 -12.47 8.34 5.83
N ARG G 55 -12.26 7.83 7.04
CA ARG G 55 -11.02 8.12 7.75
C ARG G 55 -9.86 7.29 7.23
N ARG G 56 -10.12 6.07 6.81
CA ARG G 56 -9.08 5.25 6.20
C ARG G 56 -8.51 5.96 4.99
N SER G 57 -9.35 6.64 4.22
CA SER G 57 -8.80 7.24 3.00
C SER G 57 -8.26 8.63 3.24
N ARG G 58 -8.84 9.36 4.19
CA ARG G 58 -8.26 10.66 4.51
C ARG G 58 -6.88 10.49 5.16
N LEU G 59 -6.74 9.53 6.09
CA LEU G 59 -5.40 9.24 6.65
C LEU G 59 -4.44 8.70 5.59
N ASP G 60 -4.91 7.82 4.71
CA ASP G 60 -4.04 7.31 3.67
C ASP G 60 -3.50 8.42 2.78
N VAL G 61 -4.35 9.38 2.43
CA VAL G 61 -3.88 10.51 1.64
C VAL G 61 -2.78 11.25 2.37
N MSE G 62 -2.90 11.39 3.68
CA MSE G 62 -1.88 12.09 4.45
C MSE G 62 -0.56 11.36 4.42
O MSE G 62 0.49 12.01 4.27
CB MSE G 62 -2.29 12.28 5.90
CG MSE G 62 -3.39 13.28 6.07
SE MSE G 62 -4.14 13.15 7.85
CE MSE G 62 -2.65 13.62 8.96
N LEU G 63 -0.59 10.03 4.60
CA LEU G 63 0.66 9.30 4.72
C LEU G 63 1.39 9.17 3.39
N LYS G 64 0.69 9.41 2.26
CA LYS G 64 1.32 9.48 0.95
C LYS G 64 2.14 10.75 0.78
N VAL G 65 1.96 11.75 1.65
CA VAL G 65 2.61 13.04 1.52
C VAL G 65 3.53 13.35 2.70
N LEU G 66 3.07 13.12 3.92
CA LEU G 66 3.81 13.50 5.12
C LEU G 66 4.77 12.40 5.54
N PRO G 67 6.07 12.63 5.56
CA PRO G 67 6.99 11.59 6.02
C PRO G 67 6.78 11.28 7.50
N VAL G 68 6.95 10.00 7.83
CA VAL G 68 6.78 9.49 9.18
C VAL G 68 8.14 9.09 9.75
N LEU G 69 8.51 9.67 10.89
CA LEU G 69 9.82 9.46 11.51
C LEU G 69 9.84 8.15 12.31
N ASP G 70 10.73 7.24 11.95
CA ASP G 70 10.88 6.02 12.73
C ASP G 70 11.42 6.34 14.11
N PHE G 71 11.05 5.56 15.11
CA PHE G 71 11.46 5.83 16.47
C PHE G 71 12.76 5.08 16.74
N ASP G 72 13.84 5.82 16.88
CA ASP G 72 15.17 5.25 16.86
C ASP G 72 15.91 5.57 18.15
N GLY G 73 17.18 5.13 18.20
CA GLY G 73 17.98 5.32 19.38
C GLY G 73 18.17 6.78 19.74
N ALA G 74 18.28 7.65 18.72
CA ALA G 74 18.36 9.09 18.99
C ALA G 74 17.12 9.58 19.73
N ALA G 75 15.92 9.28 19.21
CA ALA G 75 14.72 9.66 19.93
C ALA G 75 14.70 9.09 21.34
N ALA G 76 15.15 7.83 21.50
CA ALA G 76 15.17 7.25 22.84
C ALA G 76 16.14 8.01 23.75
N ASP G 77 17.33 8.33 23.24
CA ASP G 77 18.24 9.14 24.05
C ASP G 77 17.61 10.47 24.43
N GLU G 78 16.91 11.11 23.48
CA GLU G 78 16.19 12.35 23.77
C GLU G 78 15.08 12.12 24.78
N TYR G 79 14.39 10.98 24.70
CA TYR G 79 13.38 10.70 25.73
C TYR G 79 14.01 10.59 27.10
N ARG G 80 15.14 9.89 27.21
CA ARG G 80 15.85 9.83 28.48
C ARG G 80 16.27 11.22 28.93
N ARG G 81 16.71 12.06 28.00
CA ARG G 81 17.09 13.42 28.37
C ARG G 81 15.91 14.17 28.96
N ILE G 82 14.71 13.92 28.42
CA ILE G 82 13.52 14.62 28.90
C ILE G 82 13.19 14.22 30.32
N VAL G 83 13.10 12.91 30.59
CA VAL G 83 12.70 12.46 31.93
C VAL G 83 13.74 12.89 32.96
N GLU G 84 15.03 12.80 32.62
CA GLU G 84 16.09 13.26 33.50
C GLU G 84 15.92 14.72 33.90
N SER G 85 15.52 15.57 32.96
CA SER G 85 15.34 16.99 33.28
C SER G 85 14.01 17.26 33.98
N ALA G 86 12.91 16.66 33.52
CA ALA G 86 11.59 17.02 34.04
C ALA G 86 11.07 16.08 35.11
N GLY G 87 11.58 14.86 35.18
CA GLY G 87 10.98 13.87 36.06
C GLY G 87 10.11 12.91 35.29
N TYR G 88 9.97 11.69 35.82
CA TYR G 88 9.17 10.67 35.18
C TYR G 88 7.70 10.96 35.38
N SER G 89 6.90 10.66 34.36
CA SER G 89 5.46 10.86 34.43
C SER G 89 4.84 9.83 33.52
N ARG G 90 4.19 8.82 34.09
CA ARG G 90 3.51 7.83 33.28
C ARG G 90 2.53 8.47 32.30
N ARG G 91 1.78 9.50 32.73
CA ARG G 91 0.81 10.15 31.86
C ARG G 91 1.45 10.75 30.61
N LYS G 92 2.61 11.38 30.75
CA LYS G 92 3.18 12.17 29.65
C LYS G 92 4.06 11.37 28.71
N VAL G 93 4.11 10.04 28.81
CA VAL G 93 5.11 9.29 28.04
C VAL G 93 4.88 9.47 26.54
N VAL G 94 3.64 9.27 26.06
CA VAL G 94 3.34 9.33 24.62
C VAL G 94 3.72 10.68 24.03
N ASP G 95 3.29 11.77 24.68
CA ASP G 95 3.64 13.11 24.20
C ASP G 95 5.15 13.36 24.26
N ARG G 96 5.82 12.85 25.28
CA ARG G 96 7.27 13.06 25.34
C ARG G 96 7.99 12.22 24.28
N MSE G 97 7.51 11.02 24.00
CA MSE G 97 8.08 10.26 22.90
C MSE G 97 8.00 11.05 21.61
O MSE G 97 8.99 11.20 20.91
CB MSE G 97 7.37 8.92 22.74
CG MSE G 97 7.89 7.90 23.69
SE MSE G 97 7.13 6.15 23.36
CE MSE G 97 5.28 6.69 23.57
N ILE G 98 6.79 11.56 21.31
CA ILE G 98 6.60 12.40 20.12
C ILE G 98 7.57 13.56 20.13
N ALA G 99 7.51 14.39 21.18
CA ALA G 99 8.47 15.48 21.30
C ALA G 99 9.89 14.98 21.12
N ALA G 100 10.21 13.82 21.67
CA ALA G 100 11.60 13.34 21.59
C ALA G 100 12.02 13.19 20.13
N GLN G 101 11.08 12.96 19.23
CA GLN G 101 11.45 12.83 17.82
C GLN G 101 11.66 14.19 17.18
N ALA G 102 10.75 15.14 17.43
CA ALA G 102 11.01 16.50 16.99
C ALA G 102 12.41 16.93 17.41
N LEU G 103 12.78 16.63 18.65
CA LEU G 103 14.11 16.95 19.15
C LEU G 103 15.18 16.25 18.32
N ALA G 104 15.04 14.94 18.17
CA ALA G 104 16.07 14.17 17.48
C ALA G 104 16.31 14.68 16.07
N HIS G 105 15.29 15.21 15.39
CA HIS G 105 15.41 15.74 14.04
C HIS G 105 15.56 17.24 14.02
N ARG G 106 15.71 17.86 15.19
CA ARG G 106 15.82 19.31 15.29
C ARG G 106 14.72 19.98 14.49
N ALA G 107 13.50 19.45 14.62
CA ALA G 107 12.30 20.02 14.03
C ALA G 107 11.53 20.83 15.07
N THR G 108 10.73 21.76 14.57
CA THR G 108 9.85 22.54 15.42
C THR G 108 8.53 21.80 15.60
N PHE G 109 8.04 21.82 16.83
CA PHE G 109 6.88 21.02 17.23
C PHE G 109 5.65 21.92 17.24
N VAL G 110 4.66 21.58 16.43
CA VAL G 110 3.45 22.39 16.26
C VAL G 110 2.34 21.79 17.12
N THR G 111 1.73 22.61 17.97
CA THR G 111 0.70 22.06 18.85
C THR G 111 -0.20 23.19 19.33
N PHE G 112 -1.47 22.87 19.66
CA PHE G 112 -2.26 23.84 20.44
C PHE G 112 -1.90 23.79 21.90
N ASN G 113 -1.58 22.61 22.42
CA ASN G 113 -1.43 22.37 23.85
C ASN G 113 0.03 22.58 24.27
N ALA G 114 0.50 23.82 24.08
CA ALA G 114 1.91 24.13 24.33
C ALA G 114 2.27 24.03 25.81
N ASP G 115 1.34 24.36 26.69
CA ASP G 115 1.60 24.23 28.11
C ASP G 115 2.00 22.81 28.52
N ASP G 116 1.60 21.79 27.75
CA ASP G 116 1.98 20.41 28.01
C ASP G 116 3.42 20.10 27.63
N PHE G 117 4.09 20.98 26.90
CA PHE G 117 5.43 20.72 26.39
C PHE G 117 6.43 21.76 26.89
N ARG G 118 6.06 22.55 27.90
CA ARG G 118 6.94 23.58 28.42
C ARG G 118 8.04 23.02 29.32
N ASP G 119 7.93 21.76 29.75
CA ASP G 119 8.93 21.12 30.60
C ASP G 119 9.94 20.34 29.78
N ILE G 120 9.90 20.45 28.47
CA ILE G 120 10.78 19.69 27.58
C ILE G 120 11.91 20.61 27.15
N PRO G 121 13.13 20.44 27.66
CA PRO G 121 14.18 21.44 27.44
C PRO G 121 14.76 21.30 26.04
N GLY G 122 14.81 22.41 25.31
CA GLY G 122 15.38 22.45 23.99
C GLY G 122 14.42 22.23 22.85
N LEU G 123 13.14 22.02 23.13
CA LEU G 123 12.16 21.85 22.06
C LEU G 123 11.86 23.17 21.40
N SER G 124 11.88 23.20 20.08
CA SER G 124 11.40 24.37 19.32
C SER G 124 9.89 24.23 19.15
N LEU G 125 9.14 25.14 19.76
CA LEU G 125 7.69 25.06 19.83
C LEU G 125 7.05 26.16 18.99
N LEU G 126 5.97 25.82 18.33
CA LEU G 126 5.12 26.77 17.62
C LEU G 126 3.74 26.62 18.24
N ALA G 127 3.34 27.58 19.06
CA ALA G 127 2.05 27.51 19.75
C ALA G 127 0.96 28.03 18.84
N TRP G 128 0.01 27.17 18.51
CA TRP G 128 -1.17 27.55 17.74
C TRP G 128 -2.33 27.98 18.61
N HIS H 4 18.11 -31.04 9.81
CA HIS H 4 18.80 -29.90 10.39
C HIS H 4 18.56 -29.85 11.90
N HIS H 5 19.32 -28.97 12.56
CA HIS H 5 19.01 -28.54 13.92
C HIS H 5 18.07 -27.33 13.89
N HIS H 6 17.26 -27.18 14.94
CA HIS H 6 16.32 -26.06 14.92
C HIS H 6 17.01 -24.73 15.18
N HIS H 7 18.06 -24.72 15.99
CA HIS H 7 18.82 -23.52 16.29
C HIS H 7 20.25 -23.68 15.76
N ALA H 8 20.82 -22.57 15.29
CA ALA H 8 22.22 -22.51 14.93
C ALA H 8 22.67 -21.07 15.01
N ARG H 9 23.98 -20.89 15.09
CA ARG H 9 24.58 -19.60 15.40
C ARG H 9 25.92 -19.50 14.71
N ALA H 10 26.23 -18.33 14.20
CA ALA H 10 27.57 -18.07 13.68
C ALA H 10 27.90 -16.61 13.94
N THR H 11 29.14 -16.26 13.66
CA THR H 11 29.60 -14.88 13.66
C THR H 11 30.37 -14.66 12.37
N GLY H 12 30.28 -13.45 11.84
CA GLY H 12 31.06 -13.09 10.67
C GLY H 12 30.89 -11.62 10.38
N LYS H 13 31.69 -11.13 9.43
CA LYS H 13 31.50 -9.78 8.93
C LYS H 13 30.99 -9.84 7.50
N THR H 14 30.66 -8.68 6.95
CA THR H 14 30.15 -8.59 5.59
C THR H 14 31.29 -8.52 4.58
N PHE H 15 30.99 -8.85 3.34
CA PHE H 15 31.94 -8.72 2.24
C PHE H 15 31.24 -8.02 1.07
N ARG H 16 31.98 -7.79 0.00
CA ARG H 16 31.38 -7.17 -1.15
C ARG H 16 31.29 -8.26 -2.16
N SER H 17 30.15 -8.39 -2.81
CA SER H 17 29.97 -9.42 -3.79
C SER H 17 29.62 -8.97 -5.17
N GLY H 18 29.93 -7.75 -5.52
CA GLY H 18 29.68 -7.28 -6.84
C GLY H 18 29.77 -5.83 -6.57
N ASN H 19 28.62 -5.22 -6.65
CA ASN H 19 28.48 -3.85 -6.33
C ASN H 19 27.64 -3.78 -5.09
N SER H 20 27.45 -4.90 -4.41
CA SER H 20 26.62 -4.78 -3.23
C SER H 20 27.32 -5.36 -2.01
N GLU H 21 26.79 -5.00 -0.85
CA GLU H 21 27.11 -5.76 0.34
C GLU H 21 26.48 -7.14 0.25
N ALA H 22 27.05 -8.06 1.02
CA ALA H 22 26.43 -9.36 1.23
C ALA H 22 26.95 -9.92 2.53
N VAL H 23 26.23 -10.91 3.05
CA VAL H 23 26.65 -11.72 4.18
C VAL H 23 26.67 -13.16 3.74
N ARG H 24 27.62 -13.93 4.27
CA ARG H 24 27.77 -15.33 3.90
C ARG H 24 27.04 -16.20 4.90
N LEU H 25 26.21 -17.11 4.41
CA LEU H 25 25.51 -18.05 5.26
C LEU H 25 26.25 -19.38 5.27
N PRO H 26 26.69 -19.88 6.43
CA PRO H 26 27.27 -21.23 6.49
C PRO H 26 26.25 -22.31 6.18
N ARG H 27 26.65 -23.58 6.15
CA ARG H 27 25.70 -24.64 5.80
C ARG H 27 24.51 -24.66 6.75
N ASP H 28 24.76 -24.53 8.06
CA ASP H 28 23.69 -24.70 9.03
C ASP H 28 22.88 -23.41 9.26
N LEU H 29 23.10 -22.35 8.48
CA LEU H 29 22.23 -21.17 8.45
C LEU H 29 21.55 -20.96 7.10
N ALA H 30 22.09 -21.54 6.03
CA ALA H 30 21.61 -21.24 4.69
C ALA H 30 20.16 -21.68 4.49
N PHE H 31 19.45 -20.92 3.66
CA PHE H 31 18.07 -21.23 3.30
C PHE H 31 17.96 -22.18 2.13
N GLY H 32 19.02 -22.33 1.33
CA GLY H 32 18.98 -23.15 0.14
C GLY H 32 18.91 -22.32 -1.13
N ALA H 33 19.04 -22.99 -2.26
CA ALA H 33 19.12 -22.28 -3.54
C ALA H 33 17.74 -21.84 -4.02
N ASP H 34 17.70 -20.67 -4.65
CA ASP H 34 16.51 -20.17 -5.35
C ASP H 34 15.30 -19.98 -4.42
N VAL H 35 15.56 -19.59 -3.18
CA VAL H 35 14.51 -19.28 -2.21
C VAL H 35 14.37 -17.76 -2.10
N GLU H 36 13.17 -17.25 -2.40
CA GLU H 36 12.89 -15.84 -2.23
C GLU H 36 12.87 -15.44 -0.75
N LEU H 37 13.48 -14.30 -0.44
CA LEU H 37 13.63 -13.86 0.93
C LEU H 37 12.95 -12.52 1.13
N THR H 38 12.44 -12.32 2.34
CA THR H 38 12.04 -11.01 2.85
C THR H 38 13.12 -10.58 3.83
N LEU H 39 13.66 -9.40 3.61
CA LEU H 39 14.64 -8.79 4.52
C LEU H 39 13.98 -7.56 5.14
N ILE H 40 14.14 -7.42 6.47
CA ILE H 40 13.59 -6.27 7.17
C ILE H 40 14.59 -5.83 8.24
N ARG H 41 15.02 -4.57 8.18
CA ARG H 41 15.98 -4.00 9.10
C ARG H 41 15.28 -2.91 9.91
N SER H 42 15.56 -2.87 11.24
CA SER H 42 14.95 -1.94 12.22
C SER H 42 16.01 -1.54 13.25
N GLY H 43 16.83 -0.55 12.92
CA GLY H 43 17.97 -0.22 13.76
C GLY H 43 19.02 -1.31 13.78
N ASP H 44 19.29 -1.87 14.97
CA ASP H 44 20.39 -2.84 15.15
C ASP H 44 20.20 -4.13 14.37
N VAL H 45 18.97 -4.50 14.05
CA VAL H 45 18.62 -5.88 13.76
C VAL H 45 18.20 -6.00 12.31
N LEU H 46 18.78 -6.95 11.60
CA LEU H 46 18.29 -7.38 10.30
C LEU H 46 17.73 -8.79 10.48
N THR H 47 16.43 -8.96 10.20
CA THR H 47 15.78 -10.27 10.19
C THR H 47 15.54 -10.70 8.75
N ILE H 48 15.93 -11.94 8.43
CA ILE H 48 15.78 -12.49 7.09
C ILE H 48 14.99 -13.79 7.19
N TYR H 49 14.03 -13.97 6.29
CA TYR H 49 13.20 -15.15 6.36
C TYR H 49 12.56 -15.38 4.99
N PRO H 50 12.06 -16.59 4.71
CA PRO H 50 11.59 -16.89 3.34
C PRO H 50 10.23 -16.28 3.08
N SER H 51 10.02 -15.84 1.84
CA SER H 51 8.93 -14.91 1.56
C SER H 51 7.56 -15.52 1.82
N LYS H 52 7.38 -16.82 1.59
CA LYS H 52 6.08 -17.44 1.85
C LYS H 52 4.89 -16.79 1.13
N GLY H 53 4.69 -17.13 -0.15
CA GLY H 53 3.53 -16.62 -0.87
C GLY H 53 2.85 -17.62 -1.78
N SER H 54 2.77 -18.90 -1.41
CA SER H 54 2.05 -19.91 -2.19
C SER H 54 0.57 -19.62 -2.13
N ILE H 55 -0.22 -20.57 -1.68
CA ILE H 55 -1.28 -20.14 -0.78
C ILE H 55 -0.50 -19.69 0.45
N ALA H 56 -0.41 -20.49 1.53
CA ALA H 56 0.06 -20.07 2.84
C ALA H 56 -0.80 -18.88 3.28
N ASP H 57 -1.24 -18.08 2.32
CA ASP H 57 -2.43 -17.24 2.31
C ASP H 57 -3.58 -17.81 3.12
N LEU H 58 -4.02 -19.01 2.74
CA LEU H 58 -5.06 -19.68 3.50
C LEU H 58 -4.69 -19.83 4.98
N VAL H 59 -3.46 -20.22 5.25
CA VAL H 59 -3.00 -20.26 6.63
C VAL H 59 -2.77 -18.85 7.16
N ALA H 60 -2.08 -18.04 6.37
CA ALA H 60 -1.22 -16.97 6.88
C ALA H 60 -1.44 -15.67 6.14
N THR H 61 -2.30 -14.88 6.74
CA THR H 61 -2.80 -15.33 8.02
C THR H 61 -4.25 -15.76 8.00
N LEU H 62 -4.81 -16.14 6.84
CA LEU H 62 -6.27 -16.01 6.70
C LEU H 62 -7.02 -16.75 7.81
N ASN H 63 -6.70 -18.02 8.04
CA ASN H 63 -7.36 -18.77 9.10
C ASN H 63 -6.92 -18.37 10.51
N GLN H 64 -5.84 -17.60 10.65
CA GLN H 64 -5.49 -17.06 11.96
C GLN H 64 -6.28 -15.81 12.29
N MSE H 65 -6.94 -15.22 11.31
CA MSE H 65 -7.62 -13.95 11.50
C MSE H 65 -9.08 -14.21 11.71
O MSE H 65 -9.60 -15.17 11.16
CB MSE H 65 -7.40 -13.05 10.30
CG MSE H 65 -5.97 -12.81 9.95
SE MSE H 65 -5.73 -12.15 8.14
CE MSE H 65 -6.50 -10.37 8.37
N PRO H 66 -9.74 -13.37 12.50
CA PRO H 66 -11.18 -13.53 12.65
C PRO H 66 -11.85 -13.52 11.28
N ARG H 67 -13.03 -14.11 11.20
CA ARG H 67 -13.80 -14.02 9.98
C ARG H 67 -15.03 -13.15 10.21
N PRO H 68 -15.60 -12.58 9.15
CA PRO H 68 -16.86 -11.84 9.30
C PRO H 68 -18.00 -12.78 9.73
N ASP H 69 -19.04 -12.17 10.31
CA ASP H 69 -20.25 -12.90 10.71
C ASP H 69 -20.73 -13.85 9.62
N SER H 70 -20.98 -13.29 8.43
CA SER H 70 -21.53 -14.03 7.30
C SER H 70 -20.69 -13.74 6.06
N VAL H 71 -20.88 -14.58 5.03
CA VAL H 71 -20.28 -14.31 3.73
C VAL H 71 -21.20 -13.38 2.94
N GLU H 72 -20.61 -12.37 2.33
CA GLU H 72 -21.34 -11.42 1.49
C GLU H 72 -22.11 -12.16 0.40
N ILE H 73 -23.27 -11.63 0.06
CA ILE H 73 -23.96 -12.03 -1.16
C ILE H 73 -23.51 -11.09 -2.28
N ARG H 74 -22.79 -11.64 -3.25
CA ARG H 74 -22.36 -10.90 -4.42
C ARG H 74 -23.49 -10.10 -5.03
N ASP H 75 -23.25 -8.81 -5.23
CA ASP H 75 -24.18 -7.98 -5.99
C ASP H 75 -24.06 -8.31 -7.47
N GLU H 76 -25.20 -8.47 -8.12
CA GLU H 76 -25.25 -8.82 -9.53
C GLU H 76 -25.79 -7.63 -10.33
N ASP H 77 -25.84 -7.80 -11.65
CA ASP H 77 -26.49 -6.85 -12.56
C ASP H 77 -25.77 -5.51 -12.64
N LEU H 78 -24.44 -5.51 -12.49
CA LEU H 78 -23.70 -4.26 -12.40
C LEU H 78 -23.74 -3.46 -13.71
N PHE H 79 -23.68 -4.11 -14.85
CA PHE H 79 -23.65 -3.36 -16.13
C PHE H 79 -25.03 -2.80 -16.48
N PRO H 80 -25.17 -1.49 -16.61
CA PRO H 80 -26.50 -0.90 -16.80
C PRO H 80 -27.01 -1.02 -18.23
N GLU H 81 -28.32 -0.85 -18.37
CA GLU H 81 -28.88 -0.53 -19.68
C GLU H 81 -28.40 0.85 -20.10
N ARG H 82 -27.85 0.93 -21.29
CA ARG H 82 -27.52 2.22 -21.83
C ARG H 82 -28.30 2.37 -23.12
N PRO H 83 -28.93 3.52 -23.36
CA PRO H 83 -29.61 3.72 -24.66
C PRO H 83 -28.65 3.52 -25.82
N GLY H 84 -29.07 2.74 -26.80
CA GLY H 84 -28.27 2.51 -28.00
C GLY H 84 -27.46 1.22 -28.00
#